data_6A5Z
#
_entry.id   6A5Z
#
_cell.length_a   89.530
_cell.length_b   96.130
_cell.length_c   114.240
_cell.angle_alpha   90.000
_cell.angle_beta   90.000
_cell.angle_gamma   90.000
#
_symmetry.space_group_name_H-M   'P 21 21 21'
#
loop_
_entity.id
_entity.type
_entity.pdbx_description
1 polymer 'Bile acid receptor'
2 polymer 'Retinoic acid receptor RXR-alpha'
3 polymer 'Nuclear receptor coactivator 1'
4 non-polymer '2-[(1R,5S)-9-[[3-[2,6-bis(chloranyl)phenyl]-5-cyclopropyl-1,2-oxazol-4-yl]methoxy]-3-azabicyclo[3.3.1]nonan-3-yl]-1,3-benzothiazole-6-carboxylic acid'
5 non-polymer '(9cis)-retinoic acid'
6 water water
#
loop_
_entity_poly.entity_id
_entity_poly.type
_entity_poly.pdbx_seq_one_letter_code
_entity_poly.pdbx_strand_id
1 'polypeptide(L)'
;ELTPDQQTLLHFIMDSYNKQRMPQEITNKILKEEFSAEENFLILTEMATNHVQVLVEFTKKLPGFQTLDHEDQIALLKGS
AVEAMFLRSAEIFNKKLPSGHSDLLEERIRNSGISDEYITPMFSFYKSIGELKMTQEEYALLTAIVILSPDRQYIKDREA
VEKLQEPLLDVLQKLCKIHQPENPQHFAELLGRLTELRTFNHHHAEMLMSWRVNDHKFTPLLEEIWDVQ
;
A,H
2 'polypeptide(L)'
;SANEDMPVERILEAELAVEPKTETYVEANMGLNPSSPNDPVTNICQAADKQLFTLVEWAKRIPHFSELPLDDQVILLRAG
WNELLIASFSHRSIAVKDGILLATGLHVHRNSAHSAGVGAIFDRVLTELVSKMRDMQMDKTELGCLRAIVLFNPDSKGLS
NPAEVEALREKVYASLEAYCKHKYPEQPGRFAKLLLRLPALRSIGLKCLEHLFFFKLIGDTPIDTFLMEMLEAPHQMT
;
D,L
3 'polypeptide(L)' ERHKILHRLLQEGSPS E,F,G,I
#
loop_
_chem_comp.id
_chem_comp.type
_chem_comp.name
_chem_comp.formula
9CR non-polymer '(9cis)-retinoic acid' 'C20 H28 O2'
9R3 non-polymer '2-[(1R,5S)-9-[[3-[2,6-bis(chloranyl)phenyl]-5-cyclopropyl-1,2-oxazol-4-yl]methoxy]-3-azabicyclo[3.3.1]nonan-3-yl]-1,3-benzothiazole-6-carboxylic acid' 'C29 H27 Cl2 N3 O4 S'
#
# COMPACT_ATOMS: atom_id res chain seq x y z
N GLU A 1 -11.29 10.01 33.67
CA GLU A 1 -10.31 9.55 34.70
C GLU A 1 -10.79 8.28 35.42
N LEU A 2 -9.83 7.48 35.90
CA LEU A 2 -10.12 6.18 36.52
C LEU A 2 -10.66 6.34 37.93
N THR A 3 -11.45 5.35 38.37
CA THR A 3 -11.95 5.30 39.77
C THR A 3 -10.83 4.85 40.72
N PRO A 4 -11.07 4.92 42.05
CA PRO A 4 -10.13 4.33 43.00
C PRO A 4 -9.90 2.84 42.76
N ASP A 5 -10.99 2.07 42.67
CA ASP A 5 -10.89 0.62 42.44
C ASP A 5 -10.24 0.28 41.09
N GLN A 6 -10.67 0.94 40.01
CA GLN A 6 -10.10 0.73 38.66
C GLN A 6 -8.57 0.92 38.59
N GLN A 7 -8.05 1.84 39.40
CA GLN A 7 -6.60 2.09 39.51
C GLN A 7 -5.83 0.99 40.26
N THR A 8 -6.47 0.37 41.26
CA THR A 8 -5.90 -0.77 42.00
C THR A 8 -5.96 -2.07 41.18
N LEU A 9 -7.06 -2.24 40.44
CA LEU A 9 -7.21 -3.35 39.49
C LEU A 9 -6.10 -3.37 38.44
N LEU A 10 -5.72 -2.18 37.98
CA LEU A 10 -4.65 -2.02 37.00
C LEU A 10 -3.27 -2.38 37.56
N HIS A 11 -2.93 -1.86 38.76
CA HIS A 11 -1.62 -2.11 39.41
C HIS A 11 -1.43 -3.60 39.72
N PHE A 12 -2.50 -4.25 40.23
CA PHE A 12 -2.57 -5.72 40.39
C PHE A 12 -2.19 -6.36 39.04
N ILE A 13 -2.98 -6.06 38.00
CA ILE A 13 -2.80 -6.66 36.68
C ILE A 13 -1.40 -6.37 36.14
N MET A 14 -0.98 -5.11 36.24
CA MET A 14 0.33 -4.71 35.75
C MET A 14 1.48 -5.38 36.51
N ASP A 15 1.30 -5.71 37.79
CA ASP A 15 2.35 -6.41 38.53
C ASP A 15 2.46 -7.87 38.08
N SER A 16 1.33 -8.54 37.86
CA SER A 16 1.33 -9.88 37.25
C SER A 16 1.93 -9.87 35.84
N TYR A 17 1.65 -8.79 35.08
CA TYR A 17 2.15 -8.64 33.71
C TYR A 17 3.66 -8.36 33.64
N ASN A 18 4.20 -7.58 34.57
CA ASN A 18 5.65 -7.33 34.61
C ASN A 18 6.44 -8.51 35.19
N LYS A 19 5.77 -9.43 35.87
CA LYS A 19 6.35 -10.72 36.26
C LYS A 19 6.53 -11.69 35.08
N GLN A 20 5.90 -11.42 33.93
CA GLN A 20 6.21 -12.13 32.67
C GLN A 20 7.69 -11.87 32.34
N ARG A 21 8.47 -12.94 32.44
CA ARG A 21 9.89 -12.88 32.13
C ARG A 21 10.29 -14.17 31.45
N MET A 22 10.90 -14.03 30.27
CA MET A 22 11.58 -15.14 29.62
C MET A 22 12.96 -15.24 30.28
N PRO A 23 13.43 -16.47 30.59
CA PRO A 23 14.79 -16.69 31.08
C PRO A 23 15.87 -16.12 30.17
N GLN A 24 16.99 -15.72 30.76
CA GLN A 24 18.16 -15.30 29.97
C GLN A 24 18.70 -16.46 29.11
N GLU A 25 18.72 -17.66 29.68
CA GLU A 25 19.15 -18.88 28.99
C GLU A 25 18.43 -19.15 27.65
N ILE A 26 17.13 -18.84 27.60
CA ILE A 26 16.31 -19.08 26.39
C ILE A 26 16.56 -17.97 25.36
N THR A 27 16.56 -16.72 25.80
CA THR A 27 16.92 -15.58 24.92
C THR A 27 18.39 -15.63 24.49
N ASN A 28 19.25 -16.25 25.30
CA ASN A 28 20.66 -16.50 24.96
C ASN A 28 20.85 -17.23 23.62
N LYS A 29 19.92 -18.13 23.29
CA LYS A 29 19.97 -18.91 22.05
C LYS A 29 19.19 -18.22 20.90
N ILE A 30 19.46 -16.94 20.70
CA ILE A 30 18.85 -16.15 19.61
C ILE A 30 19.91 -15.76 18.56
N LEU A 31 21.14 -15.43 18.96
CA LEU A 31 22.28 -15.38 18.01
C LEU A 31 23.26 -16.55 18.13
N LYS A 32 23.44 -17.08 19.35
CA LYS A 32 24.46 -18.11 19.59
C LYS A 32 24.30 -19.33 18.68
N GLU A 33 23.08 -19.87 18.63
CA GLU A 33 22.83 -21.14 17.93
C GLU A 33 22.84 -20.95 16.42
N GLU A 34 23.02 -22.07 15.71
CA GLU A 34 23.11 -22.04 14.25
C GLU A 34 21.75 -21.66 13.65
N PHE A 35 21.75 -21.49 12.34
CA PHE A 35 20.62 -20.93 11.62
C PHE A 35 20.05 -21.92 10.61
N SER A 36 19.44 -22.98 11.12
CA SER A 36 18.80 -24.01 10.29
C SER A 36 17.32 -24.11 10.60
N ALA A 37 16.55 -24.70 9.69
CA ALA A 37 15.12 -24.93 9.91
C ALA A 37 14.90 -25.76 11.19
N GLU A 38 15.54 -26.93 11.26
CA GLU A 38 15.44 -27.85 12.42
C GLU A 38 15.93 -27.25 13.73
N GLU A 39 16.90 -26.33 13.66
CA GLU A 39 17.41 -25.64 14.86
C GLU A 39 16.52 -24.47 15.27
N ASN A 40 16.00 -23.73 14.29
CA ASN A 40 15.04 -22.63 14.55
C ASN A 40 13.76 -23.16 15.19
N PHE A 41 13.22 -24.28 14.66
CA PHE A 41 12.03 -24.91 15.23
C PHE A 41 12.19 -25.19 16.73
N LEU A 42 13.25 -25.91 17.08
CA LEU A 42 13.56 -26.30 18.48
C LEU A 42 13.54 -25.11 19.46
N ILE A 43 14.05 -23.96 19.04
CA ILE A 43 14.10 -22.75 19.90
C ILE A 43 12.71 -22.20 20.15
N LEU A 44 11.96 -21.99 19.07
CA LEU A 44 10.57 -21.50 19.16
C LEU A 44 9.75 -22.39 20.08
N THR A 45 9.86 -23.69 19.89
CA THR A 45 9.15 -24.67 20.71
C THR A 45 9.50 -24.57 22.17
N GLU A 46 10.78 -24.33 22.46
CA GLU A 46 11.24 -24.12 23.83
C GLU A 46 10.68 -22.82 24.42
N MET A 47 10.73 -21.73 23.64
CA MET A 47 10.15 -20.45 24.04
C MET A 47 8.64 -20.55 24.26
N ALA A 48 7.95 -21.17 23.31
CA ALA A 48 6.49 -21.31 23.36
C ALA A 48 6.05 -22.16 24.53
N THR A 49 6.85 -23.16 24.90
CA THR A 49 6.57 -23.97 26.11
C THR A 49 6.76 -23.12 27.38
N ASN A 50 7.85 -22.36 27.44
CA ASN A 50 8.06 -21.41 28.55
C ASN A 50 6.99 -20.32 28.57
N HIS A 51 6.59 -19.84 27.39
CA HIS A 51 5.56 -18.80 27.30
C HIS A 51 4.22 -19.26 27.87
N VAL A 52 3.79 -20.48 27.52
CA VAL A 52 2.56 -21.03 28.08
C VAL A 52 2.62 -21.09 29.61
N GLN A 53 3.75 -21.51 30.17
CA GLN A 53 3.91 -21.56 31.64
C GLN A 53 3.73 -20.18 32.26
N VAL A 54 4.43 -19.20 31.71
CA VAL A 54 4.37 -17.81 32.15
C VAL A 54 2.95 -17.25 32.04
N LEU A 55 2.33 -17.50 30.89
CA LEU A 55 0.95 -17.08 30.61
C LEU A 55 -0.04 -17.74 31.56
N VAL A 56 0.15 -19.03 31.81
CA VAL A 56 -0.66 -19.76 32.79
C VAL A 56 -0.55 -19.10 34.18
N GLU A 57 0.66 -18.69 34.55
CA GLU A 57 0.90 -18.04 35.85
C GLU A 57 0.19 -16.68 35.90
N PHE A 58 0.33 -15.89 34.83
CA PHE A 58 -0.37 -14.61 34.69
C PHE A 58 -1.89 -14.75 34.78
N THR A 59 -2.42 -15.74 34.06
CA THR A 59 -3.85 -16.05 34.02
C THR A 59 -4.46 -16.32 35.42
N LYS A 60 -3.73 -17.03 36.26
CA LYS A 60 -4.18 -17.36 37.63
C LYS A 60 -4.31 -16.15 38.55
N LYS A 61 -3.50 -15.12 38.30
CA LYS A 61 -3.51 -13.89 39.11
C LYS A 61 -4.62 -12.90 38.73
N LEU A 62 -5.37 -13.20 37.66
CA LEU A 62 -6.46 -12.34 37.23
C LEU A 62 -7.64 -12.40 38.22
N PRO A 63 -8.24 -11.23 38.54
CA PRO A 63 -9.41 -11.12 39.41
C PRO A 63 -10.46 -12.20 39.20
N GLY A 64 -10.69 -13.00 40.24
CA GLY A 64 -11.78 -13.96 40.25
C GLY A 64 -11.56 -15.24 39.46
N PHE A 65 -10.35 -15.46 38.96
CA PHE A 65 -10.11 -16.60 38.06
C PHE A 65 -10.25 -17.97 38.73
N GLN A 66 -9.72 -18.11 39.94
CA GLN A 66 -9.83 -19.37 40.69
C GLN A 66 -11.25 -19.65 41.23
N THR A 67 -12.14 -18.66 41.21
CA THR A 67 -13.56 -18.91 41.52
C THR A 67 -14.30 -19.62 40.38
N LEU A 68 -13.74 -19.62 39.18
CA LEU A 68 -14.35 -20.33 38.04
C LEU A 68 -14.21 -21.84 38.24
N ASP A 69 -15.16 -22.57 37.67
CA ASP A 69 -15.11 -24.03 37.64
C ASP A 69 -13.74 -24.48 37.14
N HIS A 70 -13.19 -25.52 37.76
CA HIS A 70 -11.83 -25.97 37.44
C HIS A 70 -11.70 -26.31 35.95
N GLU A 71 -12.66 -27.06 35.41
CA GLU A 71 -12.59 -27.51 34.01
C GLU A 71 -12.77 -26.32 33.01
N ASP A 72 -13.46 -25.27 33.44
CA ASP A 72 -13.58 -24.03 32.65
C ASP A 72 -12.25 -23.29 32.56
N GLN A 73 -11.44 -23.36 33.61
CA GLN A 73 -10.13 -22.67 33.61
C GLN A 73 -9.26 -23.22 32.51
N ILE A 74 -9.41 -24.51 32.22
CA ILE A 74 -8.69 -25.18 31.15
C ILE A 74 -9.29 -24.79 29.79
N ALA A 75 -10.61 -24.66 29.71
CA ALA A 75 -11.28 -24.20 28.48
C ALA A 75 -10.84 -22.78 28.03
N LEU A 76 -10.67 -21.87 28.99
CA LEU A 76 -10.20 -20.51 28.71
C LEU A 76 -8.72 -20.48 28.29
N LEU A 77 -7.90 -21.32 28.90
CA LEU A 77 -6.47 -21.35 28.59
C LEU A 77 -6.16 -21.87 27.20
N LYS A 78 -6.83 -22.94 26.80
CA LYS A 78 -6.65 -23.55 25.47
C LYS A 78 -7.28 -22.67 24.39
N GLY A 79 -8.46 -22.14 24.71
CA GLY A 79 -9.16 -21.25 23.81
C GLY A 79 -8.43 -19.94 23.54
N SER A 80 -7.73 -19.42 24.55
CA SER A 80 -7.09 -18.11 24.46
C SER A 80 -5.59 -18.10 24.16
N ALA A 81 -4.88 -19.20 24.45
CA ALA A 81 -3.40 -19.21 24.44
C ALA A 81 -2.82 -18.56 23.19
N VAL A 82 -3.12 -19.13 22.02
CA VAL A 82 -2.61 -18.61 20.73
C VAL A 82 -2.77 -17.10 20.63
N GLU A 83 -3.98 -16.62 20.88
CA GLU A 83 -4.28 -15.20 20.75
C GLU A 83 -3.47 -14.34 21.73
N ALA A 84 -3.26 -14.83 22.94
CA ALA A 84 -2.38 -14.17 23.89
C ALA A 84 -0.94 -14.17 23.43
N MET A 85 -0.49 -15.29 22.85
CA MET A 85 0.90 -15.42 22.36
C MET A 85 1.17 -14.47 21.18
N PHE A 86 0.18 -14.30 20.30
CA PHE A 86 0.24 -13.33 19.21
C PHE A 86 0.32 -11.88 19.69
N LEU A 87 -0.44 -11.55 20.72
CA LEU A 87 -0.35 -10.20 21.32
C LEU A 87 1.04 -9.94 21.90
N ARG A 88 1.56 -10.89 22.67
CA ARG A 88 2.87 -10.73 23.34
C ARG A 88 4.01 -10.69 22.33
N SER A 89 3.87 -11.43 21.24
CA SER A 89 4.86 -11.42 20.15
C SER A 89 4.82 -10.15 19.30
N ALA A 90 3.65 -9.52 19.21
CA ALA A 90 3.52 -8.20 18.58
C ALA A 90 4.20 -7.10 19.40
N GLU A 91 4.05 -7.15 20.73
CA GLU A 91 4.74 -6.25 21.66
C GLU A 91 6.26 -6.36 21.52
N ILE A 92 6.75 -7.57 21.23
CA ILE A 92 8.17 -7.83 20.96
C ILE A 92 8.62 -7.14 19.64
N PHE A 93 7.91 -7.38 18.54
CA PHE A 93 8.30 -6.84 17.23
C PHE A 93 8.09 -5.34 17.07
N ASN A 94 7.34 -4.69 17.96
CA ASN A 94 7.19 -3.21 17.92
C ASN A 94 7.94 -2.50 19.05
N LYS A 95 8.83 -3.24 19.71
CA LYS A 95 9.86 -2.70 20.60
C LYS A 95 11.20 -3.38 20.30
N SER A 102 15.09 -8.97 17.80
CA SER A 102 13.83 -8.89 17.09
C SER A 102 13.95 -9.26 15.61
N ASP A 103 15.00 -8.74 14.96
CA ASP A 103 15.29 -9.04 13.54
C ASP A 103 15.80 -10.48 13.32
N LEU A 104 16.32 -11.11 14.38
CA LEU A 104 16.75 -12.51 14.32
C LEU A 104 15.59 -13.47 14.60
N LEU A 105 14.81 -13.16 15.64
CA LEU A 105 13.58 -13.89 15.95
C LEU A 105 12.59 -13.96 14.79
N GLU A 106 12.38 -12.82 14.13
CA GLU A 106 11.56 -12.76 12.91
C GLU A 106 12.07 -13.69 11.79
N GLU A 107 13.39 -13.79 11.64
CA GLU A 107 13.99 -14.62 10.60
C GLU A 107 13.96 -16.10 10.98
N ARG A 108 14.16 -16.39 12.27
CA ARG A 108 14.03 -17.74 12.81
C ARG A 108 12.65 -18.30 12.52
N ILE A 109 11.62 -17.52 12.84
CA ILE A 109 10.23 -17.86 12.52
C ILE A 109 10.04 -18.09 11.02
N ARG A 110 10.59 -17.19 10.21
CA ARG A 110 10.51 -17.30 8.76
C ARG A 110 11.11 -18.59 8.25
N ASN A 111 12.33 -18.90 8.68
CA ASN A 111 13.03 -20.14 8.27
C ASN A 111 12.99 -21.19 9.41
N SER A 112 11.79 -21.72 9.68
CA SER A 112 11.59 -22.82 10.60
C SER A 112 10.59 -23.86 10.07
N GLY A 113 10.44 -23.95 8.75
CA GLY A 113 9.55 -24.95 8.14
C GLY A 113 8.04 -24.72 8.22
N ILE A 114 7.60 -23.49 8.48
CA ILE A 114 6.18 -23.15 8.42
C ILE A 114 5.80 -23.02 6.95
N SER A 115 4.61 -23.49 6.59
CA SER A 115 4.08 -23.28 5.23
C SER A 115 3.97 -21.78 4.95
N ASP A 116 4.40 -21.37 3.74
CA ASP A 116 4.58 -19.94 3.43
C ASP A 116 3.28 -19.16 3.46
N GLU A 117 2.18 -19.81 3.08
CA GLU A 117 0.82 -19.29 3.28
C GLU A 117 0.64 -18.51 4.59
N TYR A 118 1.15 -19.06 5.69
CA TYR A 118 1.00 -18.48 7.02
C TYR A 118 1.92 -17.30 7.36
N ILE A 119 3.01 -17.12 6.60
CA ILE A 119 4.04 -16.15 7.02
C ILE A 119 3.58 -14.71 6.82
N THR A 120 3.23 -14.33 5.59
CA THR A 120 2.86 -12.91 5.35
C THR A 120 1.67 -12.43 6.22
N PRO A 121 0.51 -13.12 6.20
CA PRO A 121 -0.61 -12.77 7.11
C PRO A 121 -0.17 -12.51 8.57
N MET A 122 0.72 -13.37 9.06
CA MET A 122 1.25 -13.30 10.42
C MET A 122 1.96 -11.96 10.64
N PHE A 123 2.80 -11.59 9.69
CA PHE A 123 3.64 -10.40 9.85
C PHE A 123 2.94 -9.08 9.54
N SER A 124 1.92 -9.11 8.67
CA SER A 124 1.06 -7.91 8.50
C SER A 124 0.14 -7.71 9.72
N PHE A 125 -0.21 -8.77 10.44
CA PHE A 125 -0.91 -8.64 11.72
C PHE A 125 -0.05 -7.82 12.69
N TYR A 126 1.25 -8.12 12.77
CA TYR A 126 2.15 -7.37 13.64
C TYR A 126 2.30 -5.91 13.24
N LYS A 127 2.23 -5.63 11.94
CA LYS A 127 2.17 -4.24 11.47
C LYS A 127 0.91 -3.58 11.99
N SER A 128 -0.25 -4.18 11.73
CA SER A 128 -1.55 -3.62 12.13
C SER A 128 -1.61 -3.24 13.61
N ILE A 129 -0.98 -4.06 14.43
CA ILE A 129 -0.87 -3.85 15.88
C ILE A 129 0.07 -2.70 16.23
N GLY A 130 1.27 -2.72 15.65
CA GLY A 130 2.26 -1.68 15.89
C GLY A 130 1.75 -0.28 15.62
N GLU A 131 1.00 -0.14 14.52
CA GLU A 131 0.41 1.15 14.13
C GLU A 131 -0.67 1.71 15.07
N LEU A 132 -1.19 0.89 15.98
CA LEU A 132 -2.07 1.39 17.06
C LEU A 132 -1.25 2.08 18.14
N LYS A 133 0.06 1.78 18.21
CA LYS A 133 0.98 2.38 19.16
C LYS A 133 0.48 2.18 20.59
N MET A 134 0.29 0.90 20.95
CA MET A 134 -0.21 0.52 22.27
C MET A 134 0.85 0.67 23.35
N THR A 135 0.40 1.07 24.55
CA THR A 135 1.24 1.21 25.72
C THR A 135 1.16 -0.04 26.57
N GLN A 136 2.21 -0.33 27.34
CA GLN A 136 2.27 -1.50 28.25
C GLN A 136 0.93 -1.91 28.84
N GLU A 137 0.19 -0.93 29.36
CA GLU A 137 -1.10 -1.18 30.02
C GLU A 137 -2.20 -1.64 29.06
N GLU A 138 -2.19 -1.10 27.84
CA GLU A 138 -3.12 -1.53 26.79
C GLU A 138 -2.89 -2.96 26.33
N TYR A 139 -1.63 -3.39 26.25
CA TYR A 139 -1.29 -4.79 25.98
C TYR A 139 -1.80 -5.71 27.08
N ALA A 140 -1.42 -5.39 28.31
CA ALA A 140 -1.80 -6.17 29.51
C ALA A 140 -3.30 -6.28 29.72
N LEU A 141 -4.05 -5.26 29.33
CA LEU A 141 -5.50 -5.32 29.40
C LEU A 141 -6.08 -6.13 28.24
N LEU A 142 -5.61 -5.89 27.01
CA LEU A 142 -6.06 -6.71 25.87
C LEU A 142 -5.78 -8.21 26.08
N THR A 143 -4.59 -8.56 26.56
CA THR A 143 -4.28 -9.98 26.82
C THR A 143 -5.22 -10.60 27.88
N ALA A 144 -5.55 -9.85 28.93
CA ALA A 144 -6.52 -10.36 29.94
C ALA A 144 -7.97 -10.48 29.39
N ILE A 145 -8.38 -9.54 28.54
CA ILE A 145 -9.72 -9.55 27.92
C ILE A 145 -9.88 -10.73 26.93
N VAL A 146 -8.78 -11.06 26.23
CA VAL A 146 -8.69 -12.24 25.36
C VAL A 146 -8.81 -13.56 26.14
N ILE A 147 -8.14 -13.60 27.30
CA ILE A 147 -8.12 -14.80 28.16
C ILE A 147 -9.50 -15.07 28.74
N LEU A 148 -10.13 -14.01 29.25
CA LEU A 148 -11.49 -14.08 29.79
C LEU A 148 -12.57 -13.79 28.75
N SER A 149 -12.53 -14.51 27.63
CA SER A 149 -13.54 -14.37 26.60
C SER A 149 -14.54 -15.48 26.83
N PRO A 150 -15.82 -15.14 27.09
CA PRO A 150 -16.83 -16.19 27.36
C PRO A 150 -17.24 -17.07 26.18
N ASP A 151 -16.82 -16.72 24.96
CA ASP A 151 -17.33 -17.32 23.73
C ASP A 151 -16.64 -18.61 23.33
N ARG A 152 -15.57 -18.97 24.05
CA ARG A 152 -14.79 -20.18 23.76
C ARG A 152 -15.59 -21.47 23.88
N GLN A 153 -15.06 -22.51 23.25
CA GLN A 153 -15.68 -23.84 23.30
C GLN A 153 -15.51 -24.51 24.66
N TYR A 154 -16.47 -25.39 24.98
CA TYR A 154 -16.42 -26.27 26.18
C TYR A 154 -16.55 -25.53 27.53
N ILE A 155 -16.88 -24.24 27.54
CA ILE A 155 -17.10 -23.53 28.79
C ILE A 155 -18.52 -23.80 29.24
N LYS A 156 -18.65 -24.29 30.47
CA LYS A 156 -19.96 -24.58 31.05
C LYS A 156 -20.60 -23.30 31.58
N ASP A 157 -19.97 -22.68 32.57
CA ASP A 157 -20.48 -21.44 33.18
C ASP A 157 -19.93 -20.21 32.43
N ARG A 158 -20.61 -19.88 31.32
CA ARG A 158 -20.26 -18.74 30.48
C ARG A 158 -20.40 -17.44 31.22
N GLU A 159 -21.58 -17.26 31.80
CA GLU A 159 -21.96 -16.02 32.48
C GLU A 159 -20.99 -15.61 33.59
N ALA A 160 -20.38 -16.60 34.26
CA ALA A 160 -19.30 -16.36 35.23
C ALA A 160 -18.06 -15.71 34.61
N VAL A 161 -17.67 -16.19 33.42
CA VAL A 161 -16.49 -15.63 32.71
C VAL A 161 -16.77 -14.19 32.23
N GLU A 162 -18.01 -13.92 31.82
CA GLU A 162 -18.46 -12.58 31.39
C GLU A 162 -18.39 -11.54 32.52
N LYS A 163 -18.76 -11.97 33.74
CA LYS A 163 -18.63 -11.16 34.98
C LYS A 163 -17.20 -10.69 35.27
N LEU A 164 -16.22 -11.56 35.07
CA LEU A 164 -14.81 -11.23 35.34
C LEU A 164 -14.22 -10.33 34.26
N GLN A 165 -14.65 -10.50 33.01
CA GLN A 165 -14.10 -9.73 31.88
C GLN A 165 -14.58 -8.28 31.86
N GLU A 166 -15.88 -8.08 32.06
CA GLU A 166 -16.51 -6.74 31.95
C GLU A 166 -15.81 -5.59 32.70
N PRO A 167 -15.51 -5.74 34.01
CA PRO A 167 -14.65 -4.78 34.74
C PRO A 167 -13.48 -4.23 33.94
N LEU A 168 -12.78 -5.11 33.22
CA LEU A 168 -11.58 -4.75 32.47
C LEU A 168 -11.86 -3.94 31.19
N LEU A 169 -13.07 -4.03 30.65
CA LEU A 169 -13.43 -3.29 29.45
C LEU A 169 -13.66 -1.80 29.75
N ASP A 170 -14.20 -1.50 30.93
CA ASP A 170 -14.35 -0.10 31.39
C ASP A 170 -12.96 0.56 31.49
N VAL A 171 -12.02 -0.15 32.10
CA VAL A 171 -10.69 0.38 32.40
C VAL A 171 -9.93 0.71 31.13
N LEU A 172 -9.91 -0.22 30.18
CA LEU A 172 -9.22 -0.02 28.88
C LEU A 172 -9.82 1.08 28.00
N GLN A 173 -11.13 1.28 28.08
CA GLN A 173 -11.81 2.35 27.34
C GLN A 173 -11.32 3.71 27.84
N LYS A 174 -11.38 3.91 29.15
CA LYS A 174 -10.89 5.14 29.81
C LYS A 174 -9.41 5.38 29.61
N LEU A 175 -8.63 4.31 29.72
CA LEU A 175 -7.17 4.38 29.56
C LEU A 175 -6.74 4.64 28.11
N CYS A 176 -7.57 4.25 27.15
CA CYS A 176 -7.34 4.57 25.73
C CYS A 176 -7.60 6.05 25.40
N LYS A 177 -8.58 6.66 26.10
CA LYS A 177 -8.89 8.09 25.94
C LYS A 177 -7.90 8.97 26.73
N ILE A 178 -7.29 8.41 27.78
CA ILE A 178 -6.18 9.07 28.48
C ILE A 178 -4.94 9.08 27.57
N HIS A 179 -4.48 7.89 27.17
CA HIS A 179 -3.23 7.78 26.42
C HIS A 179 -3.31 8.26 24.97
N GLN A 180 -4.50 8.23 24.35
CA GLN A 180 -4.64 8.58 22.92
C GLN A 180 -5.93 9.36 22.61
N PRO A 181 -6.04 10.58 23.14
CA PRO A 181 -7.24 11.39 22.86
C PRO A 181 -7.32 11.96 21.43
N GLU A 182 -6.20 11.99 20.70
CA GLU A 182 -6.17 12.46 19.29
C GLU A 182 -6.91 11.55 18.27
N ASN A 183 -6.95 10.24 18.55
CA ASN A 183 -7.74 9.27 17.77
C ASN A 183 -8.79 8.66 18.73
N PRO A 184 -9.99 9.26 18.79
CA PRO A 184 -11.01 8.83 19.75
C PRO A 184 -11.62 7.45 19.46
N GLN A 185 -11.27 6.85 18.31
CA GLN A 185 -11.64 5.48 18.00
C GLN A 185 -10.51 4.46 18.24
N HIS A 186 -9.48 4.83 18.97
CA HIS A 186 -8.36 3.92 19.29
C HIS A 186 -8.81 2.70 20.09
N PHE A 187 -9.73 2.90 21.03
CA PHE A 187 -10.29 1.79 21.81
C PHE A 187 -10.96 0.75 20.91
N ALA A 188 -11.90 1.22 20.08
CA ALA A 188 -12.62 0.34 19.17
C ALA A 188 -11.68 -0.41 18.21
N GLU A 189 -10.58 0.22 17.85
CA GLU A 189 -9.58 -0.40 16.99
C GLU A 189 -8.84 -1.55 17.66
N LEU A 190 -8.66 -1.47 18.98
CA LEU A 190 -8.13 -2.59 19.75
C LEU A 190 -9.09 -3.77 19.66
N LEU A 191 -10.37 -3.50 19.80
CA LEU A 191 -11.38 -4.55 19.74
C LEU A 191 -11.47 -5.13 18.33
N GLY A 192 -11.07 -4.34 17.34
CA GLY A 192 -10.89 -4.82 15.99
C GLY A 192 -9.83 -5.90 15.86
N ARG A 193 -8.84 -5.90 16.74
CA ARG A 193 -7.78 -6.91 16.67
C ARG A 193 -8.25 -8.16 17.42
N LEU A 194 -9.11 -8.00 18.45
CA LEU A 194 -9.83 -9.14 19.05
C LEU A 194 -10.61 -9.94 18.02
N THR A 195 -11.25 -9.26 17.08
CA THR A 195 -11.88 -9.94 15.97
C THR A 195 -10.83 -10.67 15.15
N GLU A 196 -9.76 -9.98 14.78
CA GLU A 196 -8.76 -10.52 13.84
C GLU A 196 -7.94 -11.69 14.41
N LEU A 197 -7.72 -11.67 15.73
CA LEU A 197 -7.02 -12.76 16.44
C LEU A 197 -7.76 -14.10 16.28
N ARG A 198 -9.08 -14.06 16.07
CA ARG A 198 -9.87 -15.27 15.90
C ARG A 198 -9.58 -16.06 14.64
N THR A 199 -9.12 -15.41 13.56
CA THR A 199 -8.69 -16.16 12.35
C THR A 199 -7.38 -16.94 12.60
N PHE A 200 -6.48 -16.33 13.36
CA PHE A 200 -5.21 -16.97 13.71
C PHE A 200 -5.45 -18.16 14.61
N ASN A 201 -6.35 -17.99 15.57
CA ASN A 201 -6.78 -19.10 16.41
C ASN A 201 -7.35 -20.24 15.60
N HIS A 202 -8.26 -19.91 14.69
CA HIS A 202 -8.94 -20.88 13.84
C HIS A 202 -7.99 -21.66 12.91
N HIS A 203 -7.01 -20.95 12.33
CA HIS A 203 -6.04 -21.58 11.44
C HIS A 203 -4.80 -22.14 12.15
N HIS A 204 -4.70 -22.01 13.47
CA HIS A 204 -3.49 -22.45 14.19
C HIS A 204 -3.30 -23.97 14.24
N ALA A 205 -4.38 -24.72 14.35
CA ALA A 205 -4.29 -26.18 14.32
C ALA A 205 -3.61 -26.67 13.04
N GLU A 206 -4.05 -26.16 11.88
CA GLU A 206 -3.46 -26.61 10.60
C GLU A 206 -2.02 -26.10 10.33
N MET A 207 -1.63 -24.95 10.89
CA MET A 207 -0.23 -24.49 10.85
C MET A 207 0.68 -25.48 11.60
N LEU A 208 0.23 -25.92 12.78
CA LEU A 208 0.94 -26.90 13.60
C LEU A 208 1.07 -28.24 12.90
N MET A 209 -0.01 -28.70 12.26
CA MET A 209 0.02 -30.01 11.62
C MET A 209 0.67 -30.01 10.24
N SER A 210 0.89 -28.83 9.65
CA SER A 210 1.65 -28.64 8.39
C SER A 210 3.09 -28.19 8.60
N TRP A 211 3.45 -27.91 9.86
CA TRP A 211 4.80 -27.44 10.21
C TRP A 211 5.82 -28.52 9.84
N ARG A 212 6.95 -28.12 9.28
CA ARG A 212 7.94 -29.08 8.81
C ARG A 212 9.10 -29.35 9.75
N VAL A 213 9.24 -30.64 10.10
CA VAL A 213 10.00 -31.11 11.26
C VAL A 213 10.68 -32.47 11.00
N ASN A 214 11.44 -32.94 12.00
CA ASN A 214 11.91 -34.32 12.09
C ASN A 214 11.37 -35.12 13.31
N LYS A 217 5.64 -33.99 16.73
CA LYS A 217 5.73 -33.78 18.16
C LYS A 217 6.30 -32.39 18.46
N PHE A 218 5.67 -31.72 19.42
CA PHE A 218 6.12 -30.42 19.89
C PHE A 218 6.68 -30.68 21.30
N THR A 219 5.96 -30.30 22.36
CA THR A 219 6.26 -30.70 23.73
C THR A 219 4.94 -31.00 24.43
N PRO A 220 4.93 -31.93 25.41
CA PRO A 220 3.67 -32.32 26.05
C PRO A 220 2.75 -31.16 26.44
N LEU A 221 3.29 -30.09 27.03
CA LEU A 221 2.48 -28.93 27.42
C LEU A 221 1.84 -28.26 26.22
N LEU A 222 2.58 -28.10 25.13
CA LEU A 222 2.00 -27.57 23.87
C LEU A 222 1.07 -28.59 23.19
N GLU A 223 1.38 -29.88 23.28
CA GLU A 223 0.50 -30.93 22.78
C GLU A 223 -0.83 -30.95 23.54
N GLU A 224 -0.80 -30.59 24.81
CA GLU A 224 -2.01 -30.51 25.64
C GLU A 224 -2.87 -29.32 25.29
N ILE A 225 -2.23 -28.15 25.23
CA ILE A 225 -2.94 -26.88 25.14
C ILE A 225 -3.50 -26.61 23.73
N TRP A 226 -2.91 -27.26 22.73
CA TRP A 226 -3.47 -27.32 21.36
C TRP A 226 -3.95 -28.69 20.82
N ASP A 227 -3.80 -29.77 21.55
CA ASP A 227 -4.34 -31.09 21.12
C ASP A 227 -3.51 -31.93 20.06
N VAL A 228 -3.52 -33.25 20.27
CA VAL A 228 -3.01 -34.26 19.32
C VAL A 228 -3.89 -35.53 19.42
N GLU B 4 -22.78 12.17 10.87
CA GLU B 4 -21.40 11.73 10.47
C GLU B 4 -21.27 11.73 8.94
N ASP B 5 -20.09 11.38 8.43
CA ASP B 5 -19.93 11.06 7.01
C ASP B 5 -20.31 9.57 6.75
N MET B 6 -20.43 8.81 7.83
CA MET B 6 -21.32 7.64 7.92
C MET B 6 -22.60 8.03 8.66
N PRO B 7 -23.54 8.71 7.98
CA PRO B 7 -24.78 9.02 8.67
C PRO B 7 -25.50 7.74 9.11
N VAL B 8 -25.84 7.70 10.40
CA VAL B 8 -26.43 6.52 11.03
C VAL B 8 -27.82 6.16 10.45
N GLU B 9 -28.55 7.16 9.97
CA GLU B 9 -29.86 6.95 9.32
C GLU B 9 -29.70 6.22 7.98
N ARG B 10 -28.65 6.55 7.21
CA ARG B 10 -28.36 5.85 5.96
C ARG B 10 -28.08 4.36 6.19
N ILE B 11 -27.46 4.03 7.32
CA ILE B 11 -27.22 2.63 7.69
C ILE B 11 -28.53 1.96 8.09
N LEU B 12 -29.37 2.66 8.84
CA LEU B 12 -30.69 2.13 9.19
C LEU B 12 -31.49 1.89 7.92
N GLU B 13 -31.63 2.91 7.09
CA GLU B 13 -32.39 2.83 5.83
C GLU B 13 -31.99 1.61 5.02
N ALA B 14 -30.68 1.33 4.98
CA ALA B 14 -30.15 0.16 4.23
C ALA B 14 -30.61 -1.20 4.78
N GLU B 15 -30.68 -1.33 6.11
CA GLU B 15 -31.23 -2.55 6.74
C GLU B 15 -32.73 -2.66 6.50
N LEU B 16 -33.44 -1.56 6.72
CA LEU B 16 -34.88 -1.46 6.42
C LEU B 16 -35.17 -1.66 4.92
N ALA B 17 -34.27 -1.20 4.06
CA ALA B 17 -34.41 -1.37 2.62
C ALA B 17 -34.48 -2.82 2.17
N VAL B 18 -33.89 -3.74 2.95
CA VAL B 18 -33.76 -5.16 2.56
C VAL B 18 -34.44 -6.20 3.48
N GLU B 19 -35.41 -5.80 4.32
CA GLU B 19 -36.24 -6.76 5.11
C GLU B 19 -37.18 -7.71 4.30
N PRO B 20 -37.23 -9.02 4.68
CA PRO B 20 -38.17 -9.94 4.01
C PRO B 20 -39.63 -9.68 4.42
N ASN B 38 -37.15 -30.40 5.20
CA ASN B 38 -36.85 -31.82 5.18
C ASN B 38 -35.41 -32.06 5.72
N ASP B 39 -34.45 -31.36 5.13
CA ASP B 39 -33.05 -31.31 5.60
C ASP B 39 -32.69 -29.84 5.87
N PRO B 40 -32.44 -29.47 7.16
CA PRO B 40 -32.17 -28.05 7.47
C PRO B 40 -31.00 -27.40 6.71
N VAL B 41 -29.94 -28.18 6.45
CA VAL B 41 -28.76 -27.66 5.75
C VAL B 41 -29.08 -27.26 4.30
N THR B 42 -29.94 -28.01 3.59
CA THR B 42 -30.38 -27.59 2.23
C THR B 42 -31.18 -26.29 2.30
N ASN B 43 -32.05 -26.20 3.30
CA ASN B 43 -32.88 -25.01 3.50
C ASN B 43 -32.05 -23.77 3.84
N ILE B 44 -31.04 -23.94 4.70
CA ILE B 44 -30.13 -22.85 5.06
C ILE B 44 -29.31 -22.38 3.85
N CYS B 45 -28.71 -23.30 3.09
CA CYS B 45 -27.98 -22.95 1.87
C CYS B 45 -28.83 -22.24 0.83
N GLN B 46 -30.09 -22.66 0.68
CA GLN B 46 -31.03 -21.99 -0.24
C GLN B 46 -31.34 -20.56 0.17
N ALA B 47 -31.60 -20.35 1.46
CA ALA B 47 -31.77 -18.99 2.02
C ALA B 47 -30.49 -18.14 1.83
N ALA B 48 -29.33 -18.73 2.09
CA ALA B 48 -28.04 -18.04 1.93
C ALA B 48 -27.88 -17.48 0.51
N ASP B 49 -28.08 -18.33 -0.50
CA ASP B 49 -27.97 -17.93 -1.92
C ASP B 49 -28.99 -16.85 -2.26
N LYS B 50 -30.26 -17.09 -1.90
CA LYS B 50 -31.33 -16.08 -2.05
C LYS B 50 -30.86 -14.71 -1.55
N GLN B 51 -30.32 -14.70 -0.34
CA GLN B 51 -29.97 -13.49 0.38
C GLN B 51 -28.65 -12.87 -0.03
N LEU B 52 -27.77 -13.69 -0.59
CA LEU B 52 -26.52 -13.25 -1.20
C LEU B 52 -26.81 -12.17 -2.26
N PHE B 53 -27.88 -12.38 -3.04
CA PHE B 53 -28.37 -11.39 -4.01
C PHE B 53 -28.74 -10.09 -3.37
N THR B 54 -29.52 -10.13 -2.30
CA THR B 54 -29.97 -8.90 -1.65
C THR B 54 -28.86 -8.30 -0.76
N LEU B 55 -27.82 -9.07 -0.43
CA LEU B 55 -26.64 -8.54 0.27
C LEU B 55 -25.92 -7.53 -0.59
N VAL B 56 -25.83 -7.83 -1.89
CA VAL B 56 -25.20 -6.90 -2.83
C VAL B 56 -25.97 -5.60 -2.83
N GLU B 57 -27.30 -5.70 -2.92
CA GLU B 57 -28.18 -4.51 -2.79
C GLU B 57 -28.01 -3.74 -1.48
N TRP B 58 -27.97 -4.45 -0.35
CA TRP B 58 -27.61 -3.83 0.95
C TRP B 58 -26.27 -3.06 0.91
N ALA B 59 -25.23 -3.68 0.36
CA ALA B 59 -23.90 -3.08 0.36
C ALA B 59 -23.91 -1.71 -0.32
N LYS B 60 -24.60 -1.62 -1.46
CA LYS B 60 -24.66 -0.39 -2.27
C LYS B 60 -25.39 0.78 -1.61
N ARG B 61 -26.18 0.51 -0.57
CA ARG B 61 -26.83 1.56 0.24
C ARG B 61 -26.05 1.95 1.50
N ILE B 62 -24.92 1.29 1.77
CA ILE B 62 -24.01 1.76 2.82
C ILE B 62 -23.21 2.92 2.23
N PRO B 63 -23.14 4.06 2.97
CA PRO B 63 -22.38 5.22 2.51
C PRO B 63 -20.94 4.92 2.12
N HIS B 64 -20.61 5.30 0.88
CA HIS B 64 -19.25 5.28 0.32
C HIS B 64 -18.77 3.92 -0.20
N PHE B 65 -19.55 2.86 -0.04
CA PHE B 65 -19.11 1.51 -0.47
C PHE B 65 -18.99 1.41 -2.01
N SER B 66 -19.98 1.94 -2.73
CA SER B 66 -19.94 1.97 -4.20
C SER B 66 -18.84 2.89 -4.75
N GLU B 67 -18.50 3.93 -4.00
CA GLU B 67 -17.39 4.82 -4.37
C GLU B 67 -16.02 4.13 -4.39
N LEU B 68 -15.85 3.04 -3.64
CA LEU B 68 -14.60 2.25 -3.71
C LEU B 68 -14.37 1.66 -5.11
N PRO B 69 -13.11 1.31 -5.46
CA PRO B 69 -12.89 0.63 -6.74
C PRO B 69 -13.62 -0.71 -6.77
N LEU B 70 -14.17 -1.07 -7.92
CA LEU B 70 -14.92 -2.32 -8.07
C LEU B 70 -14.20 -3.56 -7.52
N ASP B 71 -12.89 -3.65 -7.75
CA ASP B 71 -12.07 -4.78 -7.26
C ASP B 71 -12.07 -4.91 -5.75
N ASP B 72 -12.01 -3.77 -5.07
CA ASP B 72 -12.12 -3.74 -3.62
C ASP B 72 -13.55 -4.10 -3.17
N GLN B 73 -14.56 -3.59 -3.87
CA GLN B 73 -15.96 -3.91 -3.54
C GLN B 73 -16.18 -5.43 -3.57
N VAL B 74 -15.70 -6.06 -4.63
CA VAL B 74 -15.73 -7.51 -4.79
C VAL B 74 -15.04 -8.18 -3.61
N ILE B 75 -13.81 -7.77 -3.33
CA ILE B 75 -13.02 -8.33 -2.23
C ILE B 75 -13.72 -8.25 -0.86
N LEU B 76 -14.21 -7.07 -0.50
CA LEU B 76 -14.86 -6.87 0.81
C LEU B 76 -16.04 -7.83 1.03
N LEU B 77 -16.90 -7.95 -0.01
CA LEU B 77 -18.05 -8.87 0.01
C LEU B 77 -17.65 -10.35 -0.05
N ARG B 78 -16.63 -10.69 -0.84
CA ARG B 78 -16.12 -12.07 -0.85
C ARG B 78 -15.56 -12.45 0.51
N ALA B 79 -14.97 -11.47 1.21
CA ALA B 79 -14.46 -11.66 2.57
C ALA B 79 -15.56 -11.64 3.64
N GLY B 80 -16.56 -10.78 3.46
CA GLY B 80 -17.58 -10.53 4.46
C GLY B 80 -18.86 -11.33 4.38
N TRP B 81 -19.24 -11.82 3.18
CA TRP B 81 -20.58 -12.39 2.94
C TRP B 81 -21.09 -13.29 4.06
N ASN B 82 -20.25 -14.23 4.48
CA ASN B 82 -20.68 -15.27 5.41
C ASN B 82 -21.01 -14.70 6.79
N GLU B 83 -20.20 -13.73 7.24
CA GLU B 83 -20.41 -13.09 8.54
C GLU B 83 -21.57 -12.08 8.42
N LEU B 84 -21.64 -11.42 7.28
CA LEU B 84 -22.72 -10.51 7.00
C LEU B 84 -24.07 -11.23 6.99
N LEU B 85 -24.16 -12.37 6.32
CA LEU B 85 -25.40 -13.11 6.28
C LEU B 85 -25.82 -13.67 7.65
N ILE B 86 -24.86 -14.23 8.40
CA ILE B 86 -25.16 -14.83 9.72
C ILE B 86 -25.68 -13.82 10.74
N ALA B 87 -25.05 -12.66 10.80
CA ALA B 87 -25.55 -11.60 11.66
C ALA B 87 -27.00 -11.24 11.32
N SER B 88 -27.30 -11.16 10.02
CA SER B 88 -28.64 -10.73 9.55
C SER B 88 -29.75 -11.70 9.88
N PHE B 89 -29.48 -13.00 9.73
CA PHE B 89 -30.45 -14.02 10.12
C PHE B 89 -30.51 -14.14 11.62
N SER B 90 -29.39 -13.89 12.29
CA SER B 90 -29.35 -14.01 13.74
C SER B 90 -30.25 -12.99 14.38
N HIS B 91 -30.10 -11.73 13.97
CA HIS B 91 -30.97 -10.67 14.46
C HIS B 91 -32.44 -10.87 14.15
N ARG B 92 -32.72 -11.39 12.94
CA ARG B 92 -34.09 -11.78 12.54
C ARG B 92 -34.69 -12.84 13.46
N SER B 93 -33.84 -13.71 14.03
CA SER B 93 -34.27 -14.82 14.87
C SER B 93 -34.49 -14.46 16.35
N ILE B 94 -34.17 -13.24 16.75
CA ILE B 94 -34.38 -12.73 18.12
C ILE B 94 -35.64 -13.28 18.80
N ALA B 95 -36.77 -13.23 18.09
CA ALA B 95 -38.09 -13.59 18.61
C ALA B 95 -38.41 -15.10 18.63
N VAL B 96 -37.61 -15.93 17.95
CA VAL B 96 -37.87 -17.37 17.91
C VAL B 96 -37.08 -18.00 19.06
N LYS B 97 -37.60 -19.13 19.56
CA LYS B 97 -37.01 -19.81 20.69
C LYS B 97 -36.24 -21.01 20.19
N ASP B 98 -35.01 -21.15 20.66
CA ASP B 98 -34.12 -22.27 20.33
C ASP B 98 -34.16 -22.61 18.85
N GLY B 99 -34.00 -21.57 18.03
CA GLY B 99 -34.06 -21.72 16.58
C GLY B 99 -33.70 -20.49 15.80
N ILE B 100 -33.96 -20.57 14.50
CA ILE B 100 -33.49 -19.63 13.48
C ILE B 100 -34.64 -19.46 12.47
N LEU B 101 -34.83 -18.24 11.99
CA LEU B 101 -35.83 -17.92 10.99
C LEU B 101 -35.09 -17.57 9.70
N LEU B 102 -35.15 -18.46 8.72
CA LEU B 102 -34.47 -18.20 7.43
C LEU B 102 -35.27 -17.16 6.63
N ALA B 103 -34.59 -16.43 5.76
CA ALA B 103 -35.23 -15.38 4.96
C ALA B 103 -36.34 -15.91 4.04
N THR B 104 -36.32 -17.20 3.76
CA THR B 104 -37.39 -17.87 3.03
C THR B 104 -38.72 -18.02 3.80
N GLY B 105 -38.77 -17.70 5.10
CA GLY B 105 -39.99 -17.90 5.92
C GLY B 105 -39.92 -19.10 6.88
N LEU B 106 -39.13 -20.12 6.55
CA LEU B 106 -38.99 -21.36 7.32
C LEU B 106 -38.23 -21.18 8.63
N HIS B 107 -38.71 -21.84 9.69
CA HIS B 107 -37.94 -22.01 10.90
C HIS B 107 -37.02 -23.22 10.77
N VAL B 108 -35.86 -23.13 11.41
CA VAL B 108 -35.04 -24.29 11.72
C VAL B 108 -34.90 -24.24 13.23
N HIS B 109 -34.99 -25.38 13.90
CA HIS B 109 -34.94 -25.46 15.36
CA HIS B 109 -34.95 -25.47 15.37
C HIS B 109 -33.80 -26.39 15.81
N ARG B 110 -33.19 -26.10 16.97
CA ARG B 110 -32.10 -26.92 17.54
C ARG B 110 -32.15 -28.44 17.25
N ASN B 111 -33.31 -29.03 17.49
CA ASN B 111 -33.49 -30.46 17.33
C ASN B 111 -33.22 -30.87 15.89
N SER B 112 -33.84 -30.16 14.95
CA SER B 112 -33.68 -30.44 13.53
C SER B 112 -32.21 -30.33 13.12
N ALA B 113 -31.52 -29.31 13.65
CA ALA B 113 -30.09 -29.07 13.39
C ALA B 113 -29.19 -30.16 13.93
N HIS B 114 -29.42 -30.56 15.17
CA HIS B 114 -28.65 -31.63 15.81
C HIS B 114 -28.82 -32.94 15.06
N SER B 115 -30.07 -33.26 14.73
CA SER B 115 -30.42 -34.50 14.03
C SER B 115 -30.01 -34.56 12.54
N ALA B 116 -29.64 -33.43 11.94
CA ALA B 116 -29.07 -33.36 10.58
C ALA B 116 -27.54 -33.25 10.59
N GLY B 117 -26.93 -33.35 11.78
CA GLY B 117 -25.47 -33.45 11.93
C GLY B 117 -24.69 -32.17 12.11
N VAL B 118 -25.37 -31.05 12.35
CA VAL B 118 -24.72 -29.73 12.44
C VAL B 118 -25.14 -28.94 13.70
N GLY B 119 -25.24 -29.67 14.81
CA GLY B 119 -25.79 -29.14 16.03
C GLY B 119 -24.79 -28.28 16.77
N ALA B 120 -23.54 -28.74 16.88
CA ALA B 120 -22.55 -27.99 17.66
C ALA B 120 -22.50 -26.54 17.22
N ILE B 121 -22.33 -26.32 15.92
CA ILE B 121 -22.22 -24.98 15.37
C ILE B 121 -23.55 -24.21 15.54
N PHE B 122 -24.67 -24.87 15.28
CA PHE B 122 -26.01 -24.25 15.37
C PHE B 122 -26.23 -23.66 16.77
N ASP B 123 -25.91 -24.48 17.79
CA ASP B 123 -25.90 -24.04 19.19
C ASP B 123 -25.04 -22.78 19.47
N ARG B 124 -23.91 -22.66 18.79
CA ARG B 124 -23.00 -21.51 18.96
C ARG B 124 -23.63 -20.22 18.47
N VAL B 125 -24.34 -20.30 17.34
CA VAL B 125 -25.09 -19.16 16.78
C VAL B 125 -26.14 -18.72 17.78
N LEU B 126 -26.88 -19.68 18.32
CA LEU B 126 -27.94 -19.39 19.27
C LEU B 126 -27.42 -18.69 20.53
N THR B 127 -26.45 -19.30 21.19
CA THR B 127 -25.96 -18.79 22.48
C THR B 127 -25.14 -17.51 22.30
N GLU B 128 -24.22 -17.50 21.34
CA GLU B 128 -23.31 -16.35 21.15
C GLU B 128 -23.87 -15.20 20.29
N LEU B 129 -24.77 -15.47 19.36
CA LEU B 129 -25.32 -14.40 18.52
C LEU B 129 -26.78 -14.12 18.79
N VAL B 130 -27.64 -15.11 18.59
CA VAL B 130 -29.08 -14.90 18.63
C VAL B 130 -29.54 -14.47 20.02
N SER B 131 -29.19 -15.24 21.04
CA SER B 131 -29.61 -14.94 22.41
C SER B 131 -28.91 -13.70 22.98
N LYS B 132 -27.67 -13.45 22.59
CA LYS B 132 -26.95 -12.23 23.02
C LYS B 132 -27.56 -10.97 22.40
N MET B 133 -28.00 -11.06 21.16
CA MET B 133 -28.75 -9.96 20.54
C MET B 133 -30.07 -9.69 21.28
N ARG B 134 -30.75 -10.75 21.71
CA ARG B 134 -31.99 -10.63 22.48
C ARG B 134 -31.73 -10.01 23.85
N ASP B 135 -30.78 -10.57 24.59
CA ASP B 135 -30.49 -10.14 25.96
C ASP B 135 -30.11 -8.64 26.09
N MET B 136 -29.42 -8.11 25.08
CA MET B 136 -29.08 -6.68 25.05
C MET B 136 -30.03 -5.85 24.19
N GLN B 137 -31.03 -6.49 23.59
CA GLN B 137 -32.04 -5.84 22.78
C GLN B 137 -31.43 -4.89 21.73
N MET B 138 -30.45 -5.37 20.95
CA MET B 138 -29.82 -4.50 19.95
C MET B 138 -30.83 -4.19 18.84
N ASP B 139 -30.77 -2.95 18.34
CA ASP B 139 -31.73 -2.42 17.35
C ASP B 139 -31.13 -2.53 15.94
N LYS B 140 -31.90 -2.13 14.93
CA LYS B 140 -31.47 -2.27 13.54
C LYS B 140 -30.35 -1.29 13.19
N THR B 141 -30.34 -0.14 13.85
CA THR B 141 -29.27 0.84 13.66
C THR B 141 -27.96 0.27 14.15
N GLU B 142 -28.02 -0.42 15.28
CA GLU B 142 -26.83 -1.07 15.84
C GLU B 142 -26.36 -2.25 14.96
N LEU B 143 -27.29 -3.12 14.56
CA LEU B 143 -26.99 -4.26 13.71
C LEU B 143 -26.37 -3.80 12.41
N GLY B 144 -27.04 -2.86 11.74
CA GLY B 144 -26.50 -2.22 10.52
C GLY B 144 -25.06 -1.73 10.65
N CYS B 145 -24.77 -1.06 11.76
CA CYS B 145 -23.43 -0.54 12.02
C CYS B 145 -22.40 -1.64 12.25
N LEU B 146 -22.76 -2.64 13.05
CA LEU B 146 -21.92 -3.83 13.18
C LEU B 146 -21.73 -4.45 11.80
N ARG B 147 -22.80 -4.63 11.05
CA ARG B 147 -22.67 -5.24 9.73
C ARG B 147 -21.81 -4.39 8.80
N ALA B 148 -21.88 -3.06 8.90
CA ALA B 148 -21.04 -2.18 8.07
C ALA B 148 -19.56 -2.28 8.46
N ILE B 149 -19.28 -2.32 9.76
CA ILE B 149 -17.92 -2.56 10.29
C ILE B 149 -17.32 -3.83 9.69
N VAL B 150 -18.15 -4.86 9.56
CA VAL B 150 -17.73 -6.13 8.98
C VAL B 150 -17.42 -5.95 7.51
N LEU B 151 -18.30 -5.26 6.79
CA LEU B 151 -18.12 -5.00 5.35
C LEU B 151 -16.79 -4.28 5.06
N PHE B 152 -16.55 -3.17 5.79
CA PHE B 152 -15.31 -2.40 5.67
C PHE B 152 -14.20 -3.05 6.51
N ASN B 153 -13.70 -4.19 6.02
CA ASN B 153 -12.62 -4.93 6.66
C ASN B 153 -11.28 -4.61 5.98
N PRO B 154 -10.46 -3.72 6.62
CA PRO B 154 -9.20 -3.32 5.99
C PRO B 154 -8.16 -4.45 5.90
N ASP B 155 -8.30 -5.49 6.74
CA ASP B 155 -7.41 -6.66 6.71
C ASP B 155 -7.67 -7.64 5.55
N SER B 156 -8.77 -7.47 4.80
CA SER B 156 -9.09 -8.36 3.68
C SER B 156 -7.93 -8.36 2.69
N LYS B 157 -7.48 -9.54 2.29
CA LYS B 157 -6.32 -9.65 1.41
C LYS B 157 -6.61 -9.08 0.01
N GLY B 158 -5.59 -8.50 -0.61
CA GLY B 158 -5.64 -8.02 -2.00
C GLY B 158 -6.21 -6.63 -2.21
N LEU B 159 -6.36 -5.87 -1.14
CA LEU B 159 -7.11 -4.61 -1.17
C LEU B 159 -6.20 -3.53 -1.76
N SER B 160 -6.70 -2.80 -2.75
CA SER B 160 -5.91 -1.76 -3.45
C SER B 160 -5.55 -0.58 -2.56
N ASN B 161 -6.41 -0.28 -1.59
CA ASN B 161 -6.11 0.74 -0.59
C ASN B 161 -6.76 0.36 0.72
N PRO B 162 -6.01 -0.36 1.59
CA PRO B 162 -6.49 -0.67 2.95
C PRO B 162 -6.78 0.55 3.82
N ALA B 163 -6.07 1.66 3.62
CA ALA B 163 -6.21 2.84 4.48
C ALA B 163 -7.59 3.50 4.33
N GLU B 164 -8.05 3.66 3.09
CA GLU B 164 -9.38 4.23 2.82
C GLU B 164 -10.50 3.33 3.35
N VAL B 165 -10.26 2.02 3.45
CA VAL B 165 -11.23 1.08 4.06
C VAL B 165 -11.20 1.16 5.60
N GLU B 166 -10.02 1.23 6.21
CA GLU B 166 -9.88 1.42 7.68
C GLU B 166 -10.48 2.75 8.10
N ALA B 167 -10.40 3.75 7.23
CA ALA B 167 -10.99 5.07 7.45
C ALA B 167 -12.52 5.06 7.51
N LEU B 168 -13.13 4.31 6.58
CA LEU B 168 -14.58 4.09 6.55
C LEU B 168 -15.08 3.32 7.77
N ARG B 169 -14.31 2.32 8.19
CA ARG B 169 -14.62 1.58 9.40
C ARG B 169 -14.55 2.49 10.65
N GLU B 170 -13.48 3.28 10.77
CA GLU B 170 -13.34 4.29 11.83
C GLU B 170 -14.48 5.28 11.87
N LYS B 171 -15.01 5.66 10.70
CA LYS B 171 -16.18 6.52 10.66
C LYS B 171 -17.42 5.82 11.22
N VAL B 172 -17.65 4.56 10.86
CA VAL B 172 -18.79 3.78 11.42
C VAL B 172 -18.59 3.61 12.95
N TYR B 173 -17.35 3.32 13.37
CA TYR B 173 -17.00 3.30 14.81
C TYR B 173 -17.42 4.58 15.52
N ALA B 174 -17.17 5.72 14.89
CA ALA B 174 -17.56 7.02 15.44
C ALA B 174 -19.07 7.20 15.47
N SER B 175 -19.74 6.88 14.36
CA SER B 175 -21.21 7.04 14.25
C SER B 175 -21.96 6.16 15.20
N LEU B 176 -21.49 4.93 15.38
CA LEU B 176 -22.08 3.99 16.34
C LEU B 176 -21.89 4.43 17.78
N GLU B 177 -20.66 4.84 18.12
CA GLU B 177 -20.37 5.34 19.49
C GLU B 177 -21.23 6.57 19.77
N ALA B 178 -21.40 7.42 18.76
CA ALA B 178 -22.32 8.56 18.84
C ALA B 178 -23.75 8.10 19.13
N TYR B 179 -24.28 7.24 18.28
CA TYR B 179 -25.64 6.71 18.45
C TYR B 179 -25.86 6.09 19.84
N CYS B 180 -24.92 5.28 20.31
CA CYS B 180 -25.06 4.60 21.60
C CYS B 180 -25.04 5.52 22.82
N LYS B 181 -24.34 6.65 22.72
CA LYS B 181 -24.33 7.67 23.77
C LYS B 181 -25.62 8.47 23.76
N HIS B 182 -26.15 8.77 22.57
CA HIS B 182 -27.44 9.50 22.44
C HIS B 182 -28.62 8.68 22.92
N LYS B 183 -28.76 7.46 22.38
CA LYS B 183 -29.94 6.61 22.56
C LYS B 183 -29.94 5.84 23.89
N TYR B 184 -28.77 5.36 24.31
CA TYR B 184 -28.63 4.56 25.54
C TYR B 184 -27.56 5.17 26.45
N PRO B 185 -27.77 6.42 26.92
CA PRO B 185 -26.77 7.07 27.80
C PRO B 185 -26.62 6.39 29.15
N GLU B 186 -27.65 5.67 29.58
CA GLU B 186 -27.69 5.01 30.89
C GLU B 186 -26.84 3.74 30.96
N GLN B 187 -26.28 3.30 29.81
CA GLN B 187 -25.40 2.12 29.75
C GLN B 187 -24.13 2.49 28.95
N PRO B 188 -23.11 3.02 29.65
CA PRO B 188 -21.92 3.52 28.96
C PRO B 188 -21.01 2.45 28.35
N GLY B 189 -21.17 1.18 28.74
CA GLY B 189 -20.42 0.09 28.13
C GLY B 189 -21.18 -0.65 27.02
N ARG B 190 -22.07 0.03 26.31
CA ARG B 190 -22.89 -0.60 25.27
C ARG B 190 -22.14 -0.67 23.96
N PHE B 191 -21.47 0.42 23.59
CA PHE B 191 -20.57 0.45 22.41
C PHE B 191 -19.64 -0.77 22.37
N ALA B 192 -19.01 -1.08 23.50
CA ALA B 192 -18.10 -2.21 23.60
C ALA B 192 -18.81 -3.57 23.59
N LYS B 193 -20.01 -3.64 24.14
CA LYS B 193 -20.79 -4.89 24.17
C LYS B 193 -21.18 -5.27 22.73
N LEU B 194 -21.67 -4.28 21.99
CA LEU B 194 -21.88 -4.37 20.54
C LEU B 194 -20.67 -4.94 19.77
N LEU B 195 -19.48 -4.35 19.95
CA LEU B 195 -18.28 -4.73 19.19
C LEU B 195 -17.68 -6.06 19.60
N LEU B 196 -18.01 -6.56 20.79
CA LEU B 196 -17.49 -7.86 21.26
C LEU B 196 -18.33 -9.04 20.79
N ARG B 197 -19.37 -8.78 19.99
CA ARG B 197 -20.03 -9.82 19.24
C ARG B 197 -19.26 -10.17 17.98
N LEU B 198 -18.43 -9.24 17.49
CA LEU B 198 -17.71 -9.41 16.22
C LEU B 198 -16.61 -10.48 16.23
N PRO B 199 -15.88 -10.68 17.34
CA PRO B 199 -14.95 -11.82 17.39
C PRO B 199 -15.63 -13.18 17.44
N ALA B 200 -16.71 -13.29 18.23
CA ALA B 200 -17.60 -14.47 18.18
C ALA B 200 -18.11 -14.74 16.76
N LEU B 201 -18.65 -13.70 16.12
CA LEU B 201 -19.15 -13.79 14.73
C LEU B 201 -18.08 -14.23 13.74
N ARG B 202 -16.86 -13.76 13.92
CA ARG B 202 -15.72 -14.20 13.10
C ARG B 202 -15.41 -15.68 13.31
N SER B 203 -15.40 -16.10 14.57
CA SER B 203 -15.16 -17.51 14.90
C SER B 203 -16.27 -18.43 14.38
N ILE B 204 -17.53 -18.00 14.51
CA ILE B 204 -18.67 -18.76 14.01
C ILE B 204 -18.65 -18.80 12.49
N GLY B 205 -18.38 -17.66 11.86
CA GLY B 205 -18.28 -17.58 10.40
C GLY B 205 -17.24 -18.48 9.79
N LEU B 206 -16.07 -18.55 10.43
CA LEU B 206 -14.99 -19.41 9.93
C LEU B 206 -15.35 -20.86 10.05
N LYS B 207 -16.02 -21.22 11.13
CA LYS B 207 -16.48 -22.61 11.32
C LYS B 207 -17.57 -23.00 10.28
N CYS B 208 -18.39 -22.05 9.87
CA CYS B 208 -19.45 -22.26 8.88
C CYS B 208 -18.91 -22.46 7.46
N LEU B 209 -17.90 -21.65 7.10
CA LEU B 209 -17.21 -21.82 5.81
C LEU B 209 -16.53 -23.18 5.77
N GLU B 210 -15.88 -23.53 6.87
CA GLU B 210 -15.20 -24.82 6.99
C GLU B 210 -16.21 -25.95 6.77
N HIS B 211 -17.40 -25.84 7.38
CA HIS B 211 -18.51 -26.79 7.09
C HIS B 211 -18.91 -26.77 5.62
N LEU B 212 -19.16 -25.58 5.08
CA LEU B 212 -19.60 -25.42 3.67
C LEU B 212 -18.62 -25.94 2.57
N PHE B 213 -17.30 -25.76 2.72
CA PHE B 213 -16.34 -26.36 1.78
C PHE B 213 -16.43 -27.88 1.80
N PHE B 214 -16.47 -28.46 2.97
CA PHE B 214 -16.61 -29.91 3.15
C PHE B 214 -17.90 -30.46 2.54
N PHE B 215 -19.01 -29.71 2.67
CA PHE B 215 -20.29 -30.07 2.05
C PHE B 215 -20.19 -30.09 0.52
N LYS B 216 -19.60 -29.04 -0.04
CA LYS B 216 -19.33 -28.92 -1.47
C LYS B 216 -18.49 -30.09 -1.98
N LEU B 217 -17.46 -30.43 -1.21
CA LEU B 217 -16.45 -31.42 -1.62
C LEU B 217 -16.98 -32.84 -1.68
N ILE B 218 -17.75 -33.24 -0.67
CA ILE B 218 -18.41 -34.54 -0.67
C ILE B 218 -19.74 -34.56 -1.44
N GLY B 219 -20.34 -33.39 -1.65
CA GLY B 219 -21.54 -33.27 -2.49
C GLY B 219 -22.83 -33.71 -1.85
N ASP B 220 -22.90 -33.69 -0.51
CA ASP B 220 -24.12 -34.01 0.23
C ASP B 220 -24.78 -32.68 0.61
N THR B 221 -25.46 -32.09 -0.37
CA THR B 221 -26.28 -30.85 -0.31
C THR B 221 -26.23 -30.14 -1.67
N PRO B 222 -27.39 -29.87 -2.31
CA PRO B 222 -27.35 -28.99 -3.49
C PRO B 222 -27.02 -27.53 -3.12
N ILE B 223 -26.17 -26.88 -3.93
CA ILE B 223 -25.65 -25.52 -3.62
C ILE B 223 -25.84 -24.61 -4.84
N ASP B 224 -26.70 -23.59 -4.70
CA ASP B 224 -27.04 -22.71 -5.84
C ASP B 224 -25.87 -21.83 -6.31
N THR B 225 -26.04 -21.22 -7.50
CA THR B 225 -24.96 -20.57 -8.26
C THR B 225 -24.15 -19.52 -7.49
N PHE B 226 -24.83 -18.60 -6.82
CA PHE B 226 -24.17 -17.45 -6.16
C PHE B 226 -23.39 -17.91 -4.93
N LEU B 227 -23.93 -18.87 -4.17
CA LEU B 227 -23.21 -19.45 -3.07
C LEU B 227 -22.02 -20.24 -3.60
N MET B 228 -22.24 -21.03 -4.66
CA MET B 228 -21.15 -21.78 -5.30
C MET B 228 -20.00 -20.86 -5.69
N GLU B 229 -20.36 -19.69 -6.21
CA GLU B 229 -19.38 -18.69 -6.64
C GLU B 229 -18.58 -18.19 -5.45
N MET B 230 -19.28 -17.73 -4.41
CA MET B 230 -18.64 -17.29 -3.17
C MET B 230 -17.70 -18.36 -2.59
N LEU B 231 -18.09 -19.62 -2.68
CA LEU B 231 -17.28 -20.75 -2.18
C LEU B 231 -16.03 -21.12 -3.03
N GLU B 232 -15.72 -20.40 -4.10
CA GLU B 232 -14.60 -20.75 -4.97
C GLU B 232 -13.65 -19.58 -4.83
N GLU C 1 -10.57 10.58 -33.48
CA GLU C 1 -10.04 9.69 -34.57
C GLU C 1 -8.85 10.33 -35.29
N LEU C 2 -7.97 9.48 -35.84
CA LEU C 2 -6.73 9.92 -36.48
C LEU C 2 -6.98 10.51 -37.87
N THR C 3 -6.10 11.42 -38.30
CA THR C 3 -6.14 11.99 -39.65
C THR C 3 -5.60 10.97 -40.67
N PRO C 4 -5.75 11.27 -41.99
CA PRO C 4 -5.08 10.46 -43.01
C PRO C 4 -3.57 10.36 -42.81
N ASP C 5 -2.91 11.50 -42.68
CA ASP C 5 -1.46 11.55 -42.51
C ASP C 5 -1.01 10.88 -41.21
N GLN C 6 -1.68 11.19 -40.09
CA GLN C 6 -1.36 10.57 -38.78
C GLN C 6 -1.38 9.03 -38.79
N GLN C 7 -2.28 8.46 -39.59
CA GLN C 7 -2.38 6.99 -39.76
C GLN C 7 -1.23 6.37 -40.57
N THR C 8 -0.71 7.12 -41.55
CA THR C 8 0.45 6.68 -42.36
C THR C 8 1.76 6.85 -41.58
N LEU C 9 1.84 7.95 -40.82
CA LEU C 9 2.97 8.21 -39.91
C LEU C 9 3.14 7.07 -38.90
N LEU C 10 2.02 6.55 -38.40
CA LEU C 10 2.03 5.44 -37.44
C LEU C 10 2.52 4.12 -38.06
N HIS C 11 1.99 3.76 -39.23
CA HIS C 11 2.39 2.50 -39.93
C HIS C 11 3.88 2.49 -40.31
N PHE C 12 4.37 3.64 -40.80
CA PHE C 12 5.81 3.89 -41.00
C PHE C 12 6.56 3.57 -39.70
N ILE C 13 6.21 4.28 -38.63
CA ILE C 13 6.87 4.14 -37.32
C ILE C 13 6.77 2.70 -36.82
N MET C 14 5.56 2.15 -36.90
CA MET C 14 5.33 0.78 -36.45
C MET C 14 6.10 -0.27 -37.26
N ASP C 15 6.38 -0.01 -38.55
CA ASP C 15 7.16 -0.94 -39.34
C ASP C 15 8.63 -0.92 -38.92
N SER C 16 9.19 0.27 -38.68
CA SER C 16 10.53 0.40 -38.11
C SER C 16 10.63 -0.24 -36.71
N TYR C 17 9.55 -0.10 -35.93
CA TYR C 17 9.49 -0.64 -34.58
C TYR C 17 9.39 -2.18 -34.53
N ASN C 18 8.63 -2.79 -35.45
CA ASN C 18 8.55 -4.26 -35.51
C ASN C 18 9.80 -4.91 -36.11
N LYS C 19 10.63 -4.11 -36.82
CA LYS C 19 11.96 -4.56 -37.24
C LYS C 19 12.98 -4.67 -36.08
N GLN C 20 12.68 -4.09 -34.91
CA GLN C 20 13.48 -4.35 -33.69
C GLN C 20 13.43 -5.84 -33.36
N ARG C 21 14.58 -6.51 -33.51
CA ARG C 21 14.68 -7.93 -33.24
C ARG C 21 16.03 -8.25 -32.60
N MET C 22 16.01 -8.94 -31.46
CA MET C 22 17.21 -9.51 -30.88
C MET C 22 17.48 -10.84 -31.59
N PRO C 23 18.75 -11.12 -31.95
CA PRO C 23 19.13 -12.44 -32.48
C PRO C 23 18.79 -13.61 -31.55
N GLN C 24 18.50 -14.76 -32.15
CA GLN C 24 18.32 -16.00 -31.40
C GLN C 24 19.60 -16.41 -30.68
N GLU C 25 20.75 -16.24 -31.33
CA GLU C 25 22.06 -16.57 -30.74
C GLU C 25 22.33 -15.88 -29.38
N ILE C 26 21.86 -14.64 -29.23
CA ILE C 26 22.09 -13.86 -28.00
C ILE C 26 21.12 -14.31 -26.90
N THR C 27 19.84 -14.43 -27.25
CA THR C 27 18.83 -14.97 -26.32
C THR C 27 19.07 -16.45 -25.98
N ASN C 28 19.73 -17.18 -26.88
CA ASN C 28 20.16 -18.58 -26.67
C ASN C 28 20.99 -18.76 -25.40
N LYS C 29 21.81 -17.75 -25.05
CA LYS C 29 22.70 -17.84 -23.88
C LYS C 29 22.05 -17.39 -22.55
N ILE C 30 20.76 -17.66 -22.37
CA ILE C 30 20.06 -17.31 -21.14
C ILE C 30 19.77 -18.53 -20.24
N LEU C 31 19.31 -19.63 -20.85
CA LEU C 31 19.06 -20.92 -20.14
C LEU C 31 20.08 -21.99 -20.61
N LYS C 32 21.36 -21.62 -20.52
CA LYS C 32 22.48 -22.47 -21.00
C LYS C 32 23.77 -22.22 -20.21
N GLU C 33 24.17 -20.94 -20.14
CA GLU C 33 25.46 -20.54 -19.57
C GLU C 33 25.43 -20.62 -18.06
N GLU C 34 26.62 -20.59 -17.45
CA GLU C 34 26.79 -20.60 -15.99
C GLU C 34 26.06 -19.45 -15.31
N PHE C 35 25.96 -19.53 -13.98
CA PHE C 35 25.26 -18.53 -13.21
C PHE C 35 26.20 -17.80 -12.23
N SER C 36 27.09 -17.01 -12.79
CA SER C 36 28.03 -16.20 -12.01
C SER C 36 27.85 -14.74 -12.34
N ALA C 37 28.31 -13.87 -11.43
CA ALA C 37 28.34 -12.43 -11.67
C ALA C 37 29.08 -12.10 -12.99
N GLU C 38 30.33 -12.59 -13.11
CA GLU C 38 31.17 -12.35 -14.29
C GLU C 38 30.57 -12.88 -15.60
N GLU C 39 29.80 -13.98 -15.52
CA GLU C 39 29.15 -14.54 -16.71
C GLU C 39 27.84 -13.82 -17.04
N ASN C 40 27.08 -13.45 -16.01
CA ASN C 40 25.85 -12.67 -16.20
C ASN C 40 26.15 -11.30 -16.84
N PHE C 41 27.19 -10.62 -16.35
CA PHE C 41 27.63 -9.33 -16.92
C PHE C 41 27.84 -9.41 -18.43
N LEU C 42 28.70 -10.34 -18.85
CA LEU C 42 29.06 -10.55 -20.28
C LEU C 42 27.84 -10.64 -21.23
N ILE C 43 26.78 -11.33 -20.77
CA ILE C 43 25.57 -11.53 -21.58
C ILE C 43 24.82 -10.21 -21.77
N LEU C 44 24.55 -9.54 -20.65
CA LEU C 44 23.86 -8.25 -20.65
C LEU C 44 24.57 -7.26 -21.55
N THR C 45 25.89 -7.19 -21.41
CA THR C 45 26.72 -6.29 -22.22
C THR C 45 26.59 -6.60 -23.71
N GLU C 46 26.53 -7.89 -24.06
CA GLU C 46 26.31 -8.30 -25.44
C GLU C 46 24.91 -7.89 -25.95
N MET C 47 23.89 -8.14 -25.13
CA MET C 47 22.52 -7.69 -25.45
C MET C 47 22.42 -6.16 -25.61
N ALA C 48 22.98 -5.44 -24.65
CA ALA C 48 22.93 -3.98 -24.65
C ALA C 48 23.69 -3.38 -25.84
N THR C 49 24.78 -4.02 -26.26
CA THR C 49 25.49 -3.62 -27.48
C THR C 49 24.65 -3.84 -28.74
N ASN C 50 24.00 -5.02 -28.82
CA ASN C 50 23.07 -5.28 -29.92
C ASN C 50 21.86 -4.36 -29.87
N HIS C 51 21.37 -4.06 -28.66
CA HIS C 51 20.21 -3.16 -28.51
C HIS C 51 20.51 -1.75 -29.05
N VAL C 52 21.67 -1.20 -28.71
CA VAL C 52 22.07 0.11 -29.25
C VAL C 52 22.08 0.10 -30.78
N GLN C 53 22.62 -0.96 -31.40
CA GLN C 53 22.65 -1.06 -32.87
C GLN C 53 21.24 -1.01 -33.45
N VAL C 54 20.36 -1.85 -32.90
CA VAL C 54 18.96 -1.93 -33.31
C VAL C 54 18.25 -0.59 -33.13
N LEU C 55 18.46 0.04 -31.97
CA LEU C 55 17.88 1.35 -31.63
C LEU C 55 18.39 2.43 -32.57
N VAL C 56 19.69 2.40 -32.84
CA VAL C 56 20.28 3.34 -33.81
C VAL C 56 19.61 3.20 -35.20
N GLU C 57 19.34 1.94 -35.60
CA GLU C 57 18.68 1.69 -36.87
C GLU C 57 17.25 2.22 -36.89
N PHE C 58 16.51 1.95 -35.82
CA PHE C 58 15.15 2.49 -35.61
C PHE C 58 15.12 4.01 -35.66
N THR C 59 16.06 4.64 -34.95
CA THR C 59 16.19 6.10 -34.86
C THR C 59 16.33 6.79 -36.24
N LYS C 60 17.11 6.17 -37.13
CA LYS C 60 17.34 6.72 -38.49
C LYS C 60 16.08 6.76 -39.37
N LYS C 61 15.16 5.83 -39.13
CA LYS C 61 13.92 5.73 -39.91
C LYS C 61 12.80 6.69 -39.44
N LEU C 62 13.05 7.43 -38.35
CA LEU C 62 12.08 8.39 -37.83
C LEU C 62 11.93 9.60 -38.77
N PRO C 63 10.69 10.06 -39.01
CA PRO C 63 10.39 11.24 -39.82
C PRO C 63 11.34 12.42 -39.61
N GLY C 64 12.03 12.79 -40.67
CA GLY C 64 12.87 13.98 -40.67
C GLY C 64 14.19 13.89 -39.94
N PHE C 65 14.60 12.70 -39.50
CA PHE C 65 15.78 12.57 -38.64
C PHE C 65 17.09 12.89 -39.35
N GLN C 66 17.26 12.41 -40.59
CA GLN C 66 18.50 12.72 -41.34
C GLN C 66 18.57 14.17 -41.86
N THR C 67 17.47 14.92 -41.78
CA THR C 67 17.54 16.38 -42.04
C THR C 67 18.19 17.17 -40.89
N LEU C 68 18.29 16.56 -39.70
CA LEU C 68 18.98 17.21 -38.57
C LEU C 68 20.49 17.26 -38.84
N ASP C 69 21.13 18.26 -38.26
CA ASP C 69 22.59 18.38 -38.29
C ASP C 69 23.21 17.04 -37.86
N HIS C 70 24.28 16.64 -38.55
CA HIS C 70 24.92 15.33 -38.29
C HIS C 70 25.32 15.17 -36.82
N GLU C 71 25.97 16.18 -36.26
CA GLU C 71 26.47 16.12 -34.87
C GLU C 71 25.30 16.13 -33.85
N ASP C 72 24.15 16.71 -34.21
CA ASP C 72 22.94 16.65 -33.39
C ASP C 72 22.35 15.25 -33.33
N GLN C 73 22.48 14.48 -34.40
CA GLN C 73 21.94 13.12 -34.43
C GLN C 73 22.62 12.27 -33.38
N ILE C 74 23.90 12.55 -33.14
CA ILE C 74 24.69 11.88 -32.12
C ILE C 74 24.30 12.39 -30.72
N ALA C 75 24.02 13.68 -30.59
CA ALA C 75 23.53 14.25 -29.32
C ALA C 75 22.20 13.63 -28.83
N LEU C 76 21.29 13.38 -29.76
CA LEU C 76 19.99 12.76 -29.45
C LEU C 76 20.15 11.29 -29.07
N LEU C 77 21.06 10.57 -29.74
CA LEU C 77 21.27 9.15 -29.47
C LEU C 77 21.88 8.87 -28.11
N LYS C 78 22.89 9.66 -27.73
CA LYS C 78 23.56 9.51 -26.42
C LYS C 78 22.65 10.00 -25.29
N GLY C 79 21.96 11.11 -25.55
CA GLY C 79 21.03 11.68 -24.60
C GLY C 79 19.82 10.79 -24.31
N SER C 80 19.35 10.06 -25.33
CA SER C 80 18.12 9.26 -25.22
C SER C 80 18.32 7.76 -24.97
N ALA C 81 19.47 7.20 -25.33
CA ALA C 81 19.64 5.73 -25.39
C ALA C 81 19.10 5.01 -24.16
N VAL C 82 19.67 5.30 -22.99
CA VAL C 82 19.26 4.65 -21.73
C VAL C 82 17.74 4.65 -21.57
N GLU C 83 17.13 5.81 -21.75
CA GLU C 83 15.69 5.95 -21.57
C GLU C 83 14.90 5.09 -22.55
N ALA C 84 15.35 5.02 -23.79
CA ALA C 84 14.76 4.13 -24.78
C ALA C 84 14.93 2.66 -24.41
N MET C 85 16.11 2.31 -23.88
CA MET C 85 16.40 0.92 -23.49
C MET C 85 15.54 0.48 -22.29
N PHE C 86 15.30 1.40 -21.36
CA PHE C 86 14.37 1.15 -20.24
C PHE C 86 12.93 0.94 -20.69
N LEU C 87 12.46 1.71 -21.67
CA LEU C 87 11.12 1.51 -22.23
C LEU C 87 10.99 0.14 -22.89
N ARG C 88 11.98 -0.24 -23.71
CA ARG C 88 11.93 -1.51 -24.44
C ARG C 88 12.05 -2.70 -23.49
N SER C 89 12.82 -2.55 -22.43
CA SER C 89 12.96 -3.60 -21.41
C SER C 89 11.73 -3.74 -20.50
N ALA C 90 10.97 -2.66 -20.34
CA ALA C 90 9.67 -2.70 -19.65
C ALA C 90 8.62 -3.44 -20.47
N GLU C 91 8.61 -3.21 -21.78
CA GLU C 91 7.74 -3.96 -22.71
C GLU C 91 8.03 -5.48 -22.66
N ILE C 92 9.30 -5.83 -22.44
CA ILE C 92 9.73 -7.23 -22.22
C ILE C 92 9.13 -7.80 -20.93
N PHE C 93 9.34 -7.12 -19.80
CA PHE C 93 8.87 -7.63 -18.49
C PHE C 93 7.34 -7.63 -18.30
N ASN C 94 6.59 -6.91 -19.16
CA ASN C 94 5.12 -6.91 -19.10
C ASN C 94 4.42 -7.71 -20.23
N LYS C 95 5.07 -8.71 -20.82
CA LYS C 95 4.36 -9.87 -21.47
C LYS C 95 5.32 -11.05 -21.78
N LYS C 96 4.83 -12.27 -21.59
CA LYS C 96 5.69 -13.49 -21.57
C LYS C 96 6.26 -13.80 -22.95
N SER C 99 10.92 -20.34 -22.59
CA SER C 99 11.19 -21.45 -21.70
C SER C 99 11.53 -20.97 -20.27
N GLY C 100 10.76 -20.00 -19.76
CA GLY C 100 11.03 -19.36 -18.47
C GLY C 100 12.27 -18.45 -18.53
N HIS C 101 12.45 -17.77 -19.66
CA HIS C 101 13.62 -16.91 -19.88
C HIS C 101 13.45 -15.50 -19.29
N SER C 102 12.25 -15.16 -18.81
CA SER C 102 11.99 -13.85 -18.19
C SER C 102 12.44 -13.84 -16.73
N ASP C 103 12.07 -14.88 -15.97
CA ASP C 103 12.48 -15.04 -14.57
C ASP C 103 13.97 -15.38 -14.38
N LEU C 104 14.62 -15.86 -15.44
CA LEU C 104 16.08 -16.10 -15.43
C LEU C 104 16.86 -14.82 -15.78
N LEU C 105 16.43 -14.14 -16.83
CA LEU C 105 16.96 -12.81 -17.19
C LEU C 105 16.90 -11.80 -16.05
N GLU C 106 15.76 -11.75 -15.37
CA GLU C 106 15.61 -10.92 -14.17
C GLU C 106 16.62 -11.24 -13.06
N GLU C 107 16.92 -12.53 -12.90
CA GLU C 107 17.87 -12.98 -11.88
C GLU C 107 19.32 -12.74 -12.29
N ARG C 108 19.61 -12.92 -13.59
CA ARG C 108 20.90 -12.59 -14.17
C ARG C 108 21.24 -11.12 -13.90
N ILE C 109 20.31 -10.23 -14.22
CA ILE C 109 20.45 -8.80 -13.92
C ILE C 109 20.68 -8.56 -12.43
N ARG C 110 19.90 -9.23 -11.60
CA ARG C 110 20.03 -9.11 -10.14
C ARG C 110 21.42 -9.53 -9.66
N ASN C 111 21.90 -10.70 -10.10
CA ASN C 111 23.27 -11.15 -9.76
C ASN C 111 24.24 -11.00 -10.92
N SER C 112 24.57 -9.74 -11.21
CA SER C 112 25.61 -9.37 -12.17
C SER C 112 26.53 -8.27 -11.65
N GLY C 113 26.65 -8.15 -10.32
CA GLY C 113 27.50 -7.13 -9.70
C GLY C 113 27.04 -5.68 -9.74
N ILE C 114 25.76 -5.42 -9.98
CA ILE C 114 25.22 -4.04 -9.86
C ILE C 114 25.06 -3.75 -8.38
N SER C 115 25.36 -2.52 -7.97
CA SER C 115 25.13 -2.10 -6.58
C SER C 115 23.65 -2.21 -6.25
N ASP C 116 23.33 -2.73 -5.06
CA ASP C 116 21.97 -3.11 -4.69
C ASP C 116 21.00 -1.93 -4.72
N GLU C 117 21.50 -0.76 -4.30
CA GLU C 117 20.79 0.51 -4.44
C GLU C 117 19.97 0.63 -5.73
N TYR C 118 20.57 0.23 -6.85
CA TYR C 118 19.95 0.35 -8.18
C TYR C 118 18.93 -0.72 -8.54
N ILE C 119 18.89 -1.84 -7.82
CA ILE C 119 18.07 -2.97 -8.26
C ILE C 119 16.57 -2.71 -8.04
N THR C 120 16.16 -2.45 -6.80
CA THR C 120 14.73 -2.27 -6.53
C THR C 120 14.09 -1.11 -7.34
N PRO C 121 14.66 0.13 -7.28
CA PRO C 121 14.16 1.22 -8.14
C PRO C 121 13.94 0.85 -9.61
N MET C 122 14.88 0.08 -10.15
CA MET C 122 14.82 -0.40 -11.53
C MET C 122 13.58 -1.23 -11.77
N PHE C 123 13.31 -2.16 -10.85
CA PHE C 123 12.24 -3.12 -11.03
C PHE C 123 10.84 -2.56 -10.68
N SER C 124 10.77 -1.61 -9.76
CA SER C 124 9.51 -0.89 -9.52
C SER C 124 9.18 0.08 -10.67
N PHE C 125 10.18 0.58 -11.39
CA PHE C 125 9.92 1.33 -12.62
C PHE C 125 9.17 0.46 -13.63
N TYR C 126 9.59 -0.80 -13.78
CA TYR C 126 8.91 -1.73 -14.69
C TYR C 126 7.48 -2.03 -14.26
N LYS C 127 7.25 -2.07 -12.96
CA LYS C 127 5.87 -2.18 -12.44
C LYS C 127 5.06 -0.96 -12.85
N SER C 128 5.57 0.24 -12.54
CA SER C 128 4.86 1.50 -12.83
C SER C 128 4.41 1.61 -14.29
N ILE C 129 5.26 1.11 -15.18
CA ILE C 129 5.00 1.07 -16.62
C ILE C 129 3.94 0.03 -16.98
N GLY C 130 4.11 -1.20 -16.48
CA GLY C 130 3.16 -2.28 -16.73
C GLY C 130 1.73 -1.92 -16.39
N GLU C 131 1.55 -1.26 -15.25
CA GLU C 131 0.24 -0.85 -14.77
C GLU C 131 -0.46 0.24 -15.60
N LEU C 132 0.25 0.89 -16.51
CA LEU C 132 -0.38 1.77 -17.50
C LEU C 132 -1.05 0.95 -18.61
N LYS C 133 -0.63 -0.31 -18.76
CA LYS C 133 -1.18 -1.24 -19.75
C LYS C 133 -1.08 -0.64 -21.15
N MET C 134 0.16 -0.32 -21.53
CA MET C 134 0.46 0.27 -22.84
C MET C 134 0.36 -0.76 -23.95
N THR C 135 -0.10 -0.32 -25.12
CA THR C 135 -0.17 -1.15 -26.32
C THR C 135 1.05 -0.88 -27.19
N GLN C 136 1.43 -1.87 -28.00
CA GLN C 136 2.56 -1.78 -28.95
C GLN C 136 2.81 -0.37 -29.50
N GLU C 137 1.74 0.27 -29.94
CA GLU C 137 1.77 1.59 -30.59
C GLU C 137 2.14 2.71 -29.61
N GLU C 138 1.66 2.60 -28.36
CA GLU C 138 2.00 3.56 -27.30
C GLU C 138 3.48 3.48 -26.91
N TYR C 139 4.04 2.26 -26.88
CA TYR C 139 5.49 2.08 -26.65
C TYR C 139 6.31 2.72 -27.77
N ALA C 140 6.00 2.36 -29.01
CA ALA C 140 6.68 2.87 -30.21
C ALA C 140 6.59 4.39 -30.37
N LEU C 141 5.51 4.98 -29.91
CA LEU C 141 5.41 6.44 -29.92
C LEU C 141 6.20 7.06 -28.76
N LEU C 142 6.08 6.52 -27.55
CA LEU C 142 6.87 7.02 -26.40
C LEU C 142 8.39 6.90 -26.67
N THR C 143 8.85 5.79 -27.22
CA THR C 143 10.28 5.66 -27.54
C THR C 143 10.76 6.69 -28.56
N ALA C 144 9.95 7.00 -29.57
CA ALA C 144 10.29 8.06 -30.54
C ALA C 144 10.28 9.48 -29.93
N ILE C 145 9.33 9.74 -29.04
CA ILE C 145 9.21 11.05 -28.36
C ILE C 145 10.40 11.29 -27.38
N VAL C 146 10.87 10.20 -26.75
CA VAL C 146 12.08 10.21 -25.91
C VAL C 146 13.37 10.50 -26.72
N ILE C 147 13.44 9.90 -27.91
CA ILE C 147 14.60 10.05 -28.79
C ILE C 147 14.69 11.48 -29.33
N LEU C 148 13.56 12.01 -29.77
CA LEU C 148 13.46 13.39 -30.26
C LEU C 148 13.10 14.39 -29.14
N SER C 149 13.85 14.37 -28.05
CA SER C 149 13.63 15.31 -26.96
C SER C 149 14.61 16.44 -27.16
N PRO C 150 14.12 17.69 -27.33
CA PRO C 150 15.04 18.82 -27.57
C PRO C 150 15.92 19.26 -26.40
N ASP C 151 15.69 18.72 -25.21
CA ASP C 151 16.30 19.20 -23.97
C ASP C 151 17.72 18.67 -23.70
N ARG C 152 18.19 17.75 -24.52
CA ARG C 152 19.48 17.07 -24.29
C ARG C 152 20.68 18.01 -24.37
N GLN C 153 21.79 17.53 -23.82
CA GLN C 153 23.09 18.21 -23.90
C GLN C 153 23.66 18.24 -25.33
N TYR C 154 24.45 19.28 -25.60
CA TYR C 154 25.18 19.47 -26.87
C TYR C 154 24.37 19.59 -28.17
N ILE C 155 23.06 19.80 -28.08
CA ILE C 155 22.26 19.98 -29.29
C ILE C 155 22.37 21.43 -29.72
N LYS C 156 22.77 21.64 -30.97
CA LYS C 156 22.90 23.00 -31.51
C LYS C 156 21.53 23.52 -31.94
N ASP C 157 20.91 22.85 -32.92
CA ASP C 157 19.61 23.26 -33.45
C ASP C 157 18.49 22.55 -32.67
N ARG C 158 18.14 23.14 -31.53
CA ARG C 158 17.08 22.62 -30.66
C ARG C 158 15.73 22.65 -31.35
N GLU C 159 15.39 23.83 -31.85
CA GLU C 159 14.09 24.11 -32.48
C GLU C 159 13.75 23.13 -33.62
N ALA C 160 14.78 22.67 -34.35
CA ALA C 160 14.61 21.62 -35.37
C ALA C 160 14.14 20.30 -34.79
N VAL C 161 14.70 19.90 -33.65
CA VAL C 161 14.31 18.64 -32.99
C VAL C 161 12.86 18.73 -32.45
N GLU C 162 12.47 19.91 -31.97
CA GLU C 162 11.11 20.17 -31.46
C GLU C 162 10.04 20.05 -32.57
N LYS C 163 10.39 20.52 -33.78
CA LYS C 163 9.55 20.36 -34.99
C LYS C 163 9.24 18.90 -35.37
N LEU C 164 10.23 18.02 -35.25
CA LEU C 164 10.05 16.60 -35.56
C LEU C 164 9.25 15.85 -34.49
N GLN C 165 9.41 16.26 -33.23
CA GLN C 165 8.74 15.58 -32.10
C GLN C 165 7.24 15.89 -32.02
N GLU C 166 6.89 17.17 -32.17
CA GLU C 166 5.50 17.68 -32.06
C GLU C 166 4.42 16.84 -32.78
N PRO C 167 4.57 16.59 -34.11
CA PRO C 167 3.69 15.67 -34.84
C PRO C 167 3.29 14.41 -34.07
N LEU C 168 4.26 13.79 -33.41
CA LEU C 168 4.06 12.54 -32.69
C LEU C 168 3.29 12.67 -31.37
N LEU C 169 3.25 13.87 -30.79
CA LEU C 169 2.52 14.11 -29.56
C LEU C 169 1.00 14.16 -29.80
N ASP C 170 0.59 14.71 -30.94
CA ASP C 170 -0.82 14.70 -31.35
C ASP C 170 -1.33 13.26 -31.48
N VAL C 171 -0.53 12.42 -32.16
CA VAL C 171 -0.92 11.04 -32.49
C VAL C 171 -1.12 10.22 -31.22
N LEU C 172 -0.16 10.28 -30.30
CA LEU C 172 -0.23 9.52 -29.03
C LEU C 172 -1.36 9.96 -28.08
N GLN C 173 -1.71 11.24 -28.11
CA GLN C 173 -2.82 11.76 -27.33
C GLN C 173 -4.13 11.13 -27.78
N LYS C 174 -4.40 11.21 -29.10
CA LYS C 174 -5.58 10.60 -29.72
C LYS C 174 -5.63 9.09 -29.56
N LEU C 175 -4.49 8.44 -29.75
CA LEU C 175 -4.38 6.97 -29.65
C LEU C 175 -4.54 6.46 -28.20
N CYS C 176 -4.21 7.31 -27.22
CA CYS C 176 -4.45 7.00 -25.81
C CYS C 176 -5.94 7.08 -25.41
N LYS C 177 -6.68 7.99 -26.05
CA LYS C 177 -8.12 8.14 -25.82
C LYS C 177 -8.92 7.10 -26.64
N ILE C 178 -8.34 6.57 -27.72
CA ILE C 178 -8.89 5.42 -28.45
C ILE C 178 -8.74 4.17 -27.58
N HIS C 179 -7.50 3.83 -27.22
CA HIS C 179 -7.22 2.58 -26.48
C HIS C 179 -7.71 2.58 -25.02
N GLN C 180 -7.78 3.75 -24.37
CA GLN C 180 -8.11 3.84 -22.94
C GLN C 180 -9.01 5.02 -22.59
N PRO C 181 -10.25 5.02 -23.09
CA PRO C 181 -11.18 6.09 -22.75
C PRO C 181 -11.71 6.07 -21.29
N GLU C 182 -11.59 4.93 -20.61
CA GLU C 182 -12.00 4.80 -19.19
C GLU C 182 -11.15 5.60 -18.17
N ASN C 183 -9.86 5.78 -18.47
CA ASN C 183 -9.00 6.70 -17.68
C ASN C 183 -8.48 7.77 -18.64
N PRO C 184 -9.22 8.90 -18.75
CA PRO C 184 -8.90 9.91 -19.76
C PRO C 184 -7.59 10.67 -19.51
N GLN C 185 -6.94 10.44 -18.37
CA GLN C 185 -5.60 10.97 -18.09
C GLN C 185 -4.48 9.92 -18.26
N HIS C 186 -4.76 8.86 -19.02
CA HIS C 186 -3.74 7.85 -19.38
C HIS C 186 -2.59 8.46 -20.20
N PHE C 187 -2.92 9.41 -21.08
CA PHE C 187 -1.91 10.12 -21.86
C PHE C 187 -0.92 10.86 -20.97
N ALA C 188 -1.45 11.70 -20.09
CA ALA C 188 -0.64 12.46 -19.13
C ALA C 188 0.23 11.56 -18.25
N GLU C 189 -0.26 10.36 -17.93
CA GLU C 189 0.49 9.39 -17.14
C GLU C 189 1.70 8.83 -17.88
N LEU C 190 1.60 8.71 -19.21
CA LEU C 190 2.74 8.34 -20.04
C LEU C 190 3.81 9.42 -19.94
N LEU C 191 3.38 10.68 -20.00
CA LEU C 191 4.33 11.80 -19.92
C LEU C 191 4.95 11.88 -18.52
N GLY C 192 4.25 11.35 -17.53
CA GLY C 192 4.80 11.13 -16.22
C GLY C 192 5.99 10.20 -16.18
N ARG C 193 6.07 9.27 -17.12
CA ARG C 193 7.20 8.33 -17.16
C ARG C 193 8.36 8.98 -17.92
N LEU C 194 8.07 9.88 -18.86
CA LEU C 194 9.10 10.75 -19.46
C LEU C 194 9.85 11.56 -18.41
N THR C 195 9.14 12.07 -17.41
CA THR C 195 9.77 12.72 -16.27
C THR C 195 10.64 11.70 -15.55
N GLU C 196 10.08 10.54 -15.21
CA GLU C 196 10.76 9.56 -14.34
C GLU C 196 11.98 8.91 -15.00
N LEU C 197 11.95 8.76 -16.33
CA LEU C 197 13.08 8.23 -17.09
C LEU C 197 14.34 9.09 -16.92
N ARG C 198 14.17 10.38 -16.64
CA ARG C 198 15.29 11.30 -16.43
C ARG C 198 16.13 11.02 -15.19
N THR C 199 15.56 10.43 -14.13
CA THR C 199 16.38 10.01 -12.96
C THR C 199 17.29 8.83 -13.30
N PHE C 200 16.77 7.90 -14.12
CA PHE C 200 17.55 6.74 -14.55
C PHE C 200 18.68 7.16 -15.46
N ASN C 201 18.37 8.09 -16.36
CA ASN C 201 19.40 8.70 -17.21
C ASN C 201 20.51 9.34 -16.38
N HIS C 202 20.09 10.16 -15.40
CA HIS C 202 21.01 10.87 -14.52
C HIS C 202 21.91 9.96 -13.68
N HIS C 203 21.33 8.90 -13.14
CA HIS C 203 22.08 7.95 -12.31
C HIS C 203 22.73 6.81 -13.09
N HIS C 204 22.59 6.78 -14.42
CA HIS C 204 23.15 5.68 -15.21
C HIS C 204 24.67 5.66 -15.29
N ALA C 205 25.28 6.84 -15.35
CA ALA C 205 26.75 6.94 -15.35
C ALA C 205 27.33 6.26 -14.12
N GLU C 206 26.81 6.58 -12.94
CA GLU C 206 27.35 6.01 -11.68
C GLU C 206 27.03 4.51 -11.47
N MET C 207 25.93 4.00 -12.03
CA MET C 207 25.65 2.54 -12.04
C MET C 207 26.72 1.81 -12.84
N LEU C 208 27.08 2.36 -14.00
CA LEU C 208 28.12 1.82 -14.87
C LEU C 208 29.50 1.83 -14.20
N MET C 209 29.82 2.94 -13.53
CA MET C 209 31.12 3.10 -12.89
C MET C 209 31.25 2.35 -11.55
N SER C 210 30.11 1.97 -10.95
CA SER C 210 30.07 1.16 -9.72
C SER C 210 29.80 -0.32 -9.98
N TRP C 211 29.54 -0.68 -11.23
CA TRP C 211 29.26 -2.06 -11.63
C TRP C 211 30.47 -2.92 -11.30
N ARG C 212 30.26 -4.12 -10.77
CA ARG C 212 31.36 -4.95 -10.23
C ARG C 212 32.22 -5.57 -11.35
N VAL C 213 33.54 -5.47 -11.14
CA VAL C 213 34.54 -5.55 -12.20
C VAL C 213 34.95 -6.98 -12.55
N ASN C 214 35.69 -7.08 -13.63
CA ASN C 214 36.48 -8.26 -13.99
C ASN C 214 37.52 -7.76 -15.00
N ASP C 215 38.02 -6.54 -14.75
CA ASP C 215 38.79 -5.74 -15.70
C ASP C 215 38.17 -5.67 -17.11
N LYS C 217 35.75 -1.81 -18.37
CA LYS C 217 35.52 -1.86 -19.80
C LYS C 217 34.19 -2.58 -20.09
N PHE C 218 33.40 -1.99 -20.99
CA PHE C 218 32.15 -2.57 -21.44
C PHE C 218 32.38 -3.07 -22.88
N THR C 219 31.86 -2.36 -23.88
CA THR C 219 32.24 -2.56 -25.28
C THR C 219 32.34 -1.19 -25.94
N PRO C 220 33.24 -1.03 -26.92
CA PRO C 220 33.46 0.28 -27.53
C PRO C 220 32.19 1.07 -27.86
N LEU C 221 31.18 0.40 -28.44
CA LEU C 221 29.91 1.07 -28.78
C LEU C 221 29.21 1.62 -27.54
N LEU C 222 29.16 0.83 -26.48
CA LEU C 222 28.60 1.30 -25.21
C LEU C 222 29.51 2.32 -24.52
N GLU C 223 30.82 2.17 -24.64
CA GLU C 223 31.78 3.14 -24.11
C GLU C 223 31.62 4.50 -24.81
N GLU C 224 31.25 4.47 -26.08
CA GLU C 224 31.02 5.70 -26.85
C GLU C 224 29.73 6.39 -26.45
N ILE C 225 28.65 5.62 -26.42
CA ILE C 225 27.29 6.17 -26.30
C ILE C 225 26.97 6.65 -24.87
N TRP C 226 27.70 6.09 -23.90
CA TRP C 226 27.77 6.61 -22.53
C TRP C 226 29.24 7.09 -22.45
N ASP C 227 29.81 7.39 -21.29
CA ASP C 227 31.18 7.93 -21.25
C ASP C 227 31.99 7.28 -20.14
N MET D 6 -9.51 18.70 -7.24
CA MET D 6 -8.47 19.76 -7.36
C MET D 6 -9.07 20.99 -8.02
N PRO D 7 -9.82 21.81 -7.26
CA PRO D 7 -10.24 23.07 -7.85
C PRO D 7 -9.05 23.92 -8.26
N VAL D 8 -9.06 24.34 -9.53
CA VAL D 8 -7.96 25.09 -10.13
C VAL D 8 -7.76 26.47 -9.48
N GLU D 9 -8.83 27.05 -8.93
CA GLU D 9 -8.76 28.32 -8.19
C GLU D 9 -7.97 28.17 -6.89
N ARG D 10 -8.17 27.05 -6.20
CA ARG D 10 -7.43 26.76 -4.97
C ARG D 10 -5.91 26.66 -5.24
N ILE D 11 -5.54 26.15 -6.42
CA ILE D 11 -4.13 26.10 -6.81
C ILE D 11 -3.62 27.49 -7.13
N LEU D 12 -4.43 28.30 -7.81
CA LEU D 12 -4.05 29.69 -8.10
C LEU D 12 -3.87 30.44 -6.78
N GLU D 13 -4.89 30.41 -5.93
CA GLU D 13 -4.85 31.08 -4.63
C GLU D 13 -3.58 30.77 -3.86
N ALA D 14 -3.15 29.50 -3.91
CA ALA D 14 -1.93 29.04 -3.23
C ALA D 14 -0.63 29.69 -3.76
N GLU D 15 -0.53 29.85 -5.08
CA GLU D 15 0.60 30.57 -5.69
C GLU D 15 0.54 32.06 -5.35
N LEU D 16 -0.64 32.66 -5.52
CA LEU D 16 -0.89 34.05 -5.10
C LEU D 16 -0.68 34.26 -3.60
N ALA D 17 -1.03 33.26 -2.79
CA ALA D 17 -0.84 33.32 -1.35
C ALA D 17 0.61 33.53 -0.92
N VAL D 18 1.57 33.10 -1.75
CA VAL D 18 3.00 33.09 -1.39
C VAL D 18 3.94 33.96 -2.28
N GLU D 19 3.41 34.91 -3.05
CA GLU D 19 4.26 35.93 -3.75
C GLU D 19 4.83 36.95 -2.75
N ASP D 39 29.00 36.58 -4.53
CA ASP D 39 29.04 35.20 -5.01
C ASP D 39 27.61 34.70 -5.27
N PRO D 40 27.24 34.47 -6.55
CA PRO D 40 25.85 34.05 -6.85
C PRO D 40 25.34 32.78 -6.13
N VAL D 41 26.23 31.80 -5.93
CA VAL D 41 25.85 30.54 -5.28
C VAL D 41 25.45 30.76 -3.82
N THR D 42 26.13 31.66 -3.08
CA THR D 42 25.70 31.99 -1.71
C THR D 42 24.31 32.65 -1.71
N ASN D 43 24.11 33.54 -2.66
CA ASN D 43 22.83 34.25 -2.80
C ASN D 43 21.67 33.31 -3.15
N ILE D 44 21.93 32.37 -4.06
CA ILE D 44 20.94 31.38 -4.45
C ILE D 44 20.58 30.45 -3.28
N CYS D 45 21.57 29.91 -2.58
CA CYS D 45 21.32 29.08 -1.40
C CYS D 45 20.56 29.80 -0.30
N GLN D 46 20.87 31.09 -0.08
CA GLN D 46 20.14 31.90 0.91
C GLN D 46 18.66 32.09 0.56
N ALA D 47 18.38 32.40 -0.70
CA ALA D 47 17.01 32.45 -1.22
C ALA D 47 16.30 31.09 -1.08
N ALA D 48 17.00 30.00 -1.43
CA ALA D 48 16.45 28.65 -1.32
C ALA D 48 15.95 28.36 0.08
N ASP D 49 16.80 28.58 1.08
CA ASP D 49 16.45 28.34 2.49
C ASP D 49 15.28 29.21 2.93
N LYS D 50 15.38 30.51 2.65
CA LYS D 50 14.27 31.45 2.90
C LYS D 50 12.94 30.89 2.39
N GLN D 51 12.95 30.44 1.14
CA GLN D 51 11.75 30.01 0.42
C GLN D 51 11.29 28.62 0.75
N LEU D 52 12.21 27.80 1.24
CA LEU D 52 11.90 26.45 1.76
C LEU D 52 10.82 26.56 2.86
N PHE D 53 10.93 27.60 3.70
CA PHE D 53 9.93 27.91 4.72
C PHE D 53 8.56 28.19 4.12
N THR D 54 8.52 29.06 3.10
CA THR D 54 7.25 29.42 2.51
C THR D 54 6.73 28.32 1.55
N LEU D 55 7.60 27.39 1.12
CA LEU D 55 7.17 26.23 0.35
C LEU D 55 6.25 25.36 1.19
N VAL D 56 6.58 25.20 2.46
CA VAL D 56 5.74 24.40 3.36
C VAL D 56 4.37 25.05 3.45
N GLU D 57 4.34 26.37 3.63
CA GLU D 57 3.07 27.13 3.57
C GLU D 57 2.29 26.96 2.26
N TRP D 58 2.98 27.07 1.12
CA TRP D 58 2.37 26.74 -0.18
C TRP D 58 1.75 25.32 -0.23
N ALA D 59 2.48 24.32 0.25
CA ALA D 59 2.03 22.93 0.17
C ALA D 59 0.69 22.75 0.87
N LYS D 60 0.55 23.35 2.06
CA LYS D 60 -0.66 23.21 2.89
C LYS D 60 -1.92 23.85 2.28
N ARG D 61 -1.76 24.73 1.30
CA ARG D 61 -2.89 25.32 0.56
C ARG D 61 -3.21 24.59 -0.75
N ILE D 62 -2.44 23.56 -1.11
CA ILE D 62 -2.82 22.69 -2.21
C ILE D 62 -3.88 21.73 -1.67
N PRO D 63 -5.01 21.58 -2.40
CA PRO D 63 -6.08 20.67 -1.98
C PRO D 63 -5.61 19.26 -1.67
N HIS D 64 -5.93 18.82 -0.45
CA HIS D 64 -5.76 17.44 0.04
C HIS D 64 -4.35 17.06 0.49
N PHE D 65 -3.36 17.97 0.37
CA PHE D 65 -1.98 17.64 0.77
C PHE D 65 -1.85 17.43 2.30
N SER D 66 -2.47 18.31 3.09
CA SER D 66 -2.47 18.16 4.56
C SER D 66 -3.25 16.93 5.03
N GLU D 67 -4.27 16.54 4.27
CA GLU D 67 -5.03 15.33 4.56
C GLU D 67 -4.22 14.03 4.48
N LEU D 68 -3.12 14.02 3.71
CA LEU D 68 -2.22 12.85 3.68
C LEU D 68 -1.57 12.59 5.06
N PRO D 69 -1.08 11.35 5.30
CA PRO D 69 -0.36 11.12 6.57
C PRO D 69 0.90 11.97 6.63
N LEU D 70 1.22 12.47 7.82
CA LEU D 70 2.38 13.34 8.03
C LEU D 70 3.69 12.80 7.41
N ASP D 71 3.92 11.49 7.54
CA ASP D 71 5.13 10.83 6.98
C ASP D 71 5.23 10.97 5.47
N ASP D 72 4.10 10.84 4.80
CA ASP D 72 4.02 11.05 3.37
C ASP D 72 4.22 12.53 3.02
N GLN D 73 3.62 13.43 3.79
CA GLN D 73 3.79 14.88 3.57
C GLN D 73 5.26 15.26 3.59
N VAL D 74 5.96 14.76 4.61
CA VAL D 74 7.41 14.94 4.74
C VAL D 74 8.13 14.42 3.51
N ILE D 75 7.84 13.17 3.15
CA ILE D 75 8.46 12.52 1.99
C ILE D 75 8.29 13.29 0.68
N LEU D 76 7.05 13.68 0.36
CA LEU D 76 6.75 14.38 -0.90
C LEU D 76 7.57 15.67 -1.05
N LEU D 77 7.63 16.46 0.03
CA LEU D 77 8.43 17.70 0.07
C LEU D 77 9.95 17.45 0.08
N ARG D 78 10.40 16.42 0.79
CA ARG D 78 11.82 16.05 0.75
C ARG D 78 12.22 15.62 -0.66
N ALA D 79 11.30 14.99 -1.38
CA ALA D 79 11.49 14.59 -2.77
C ALA D 79 11.34 15.74 -3.76
N GLY D 80 10.40 16.64 -3.49
CA GLY D 80 10.01 17.69 -4.44
C GLY D 80 10.68 19.04 -4.27
N TRP D 81 11.14 19.37 -3.05
CA TRP D 81 11.57 20.77 -2.74
C TRP D 81 12.40 21.43 -3.84
N ASN D 82 13.40 20.72 -4.33
CA ASN D 82 14.38 21.31 -5.26
C ASN D 82 13.73 21.66 -6.59
N GLU D 83 12.86 20.79 -7.08
CA GLU D 83 12.17 21.02 -8.35
C GLU D 83 11.06 22.06 -8.14
N LEU D 84 10.41 21.99 -6.99
CA LEU D 84 9.39 22.94 -6.62
C LEU D 84 9.96 24.36 -6.52
N LEU D 85 11.10 24.52 -5.87
CA LEU D 85 11.71 25.84 -5.75
C LEU D 85 12.19 26.39 -7.11
N ILE D 86 12.83 25.55 -7.93
CA ILE D 86 13.38 25.99 -9.23
C ILE D 86 12.30 26.46 -10.19
N ALA D 87 11.21 25.72 -10.29
CA ALA D 87 10.08 26.15 -11.10
C ALA D 87 9.57 27.53 -10.66
N SER D 88 9.49 27.76 -9.35
CA SER D 88 8.95 29.00 -8.78
C SER D 88 9.79 30.24 -9.06
N PHE D 89 11.11 30.09 -8.95
CA PHE D 89 12.02 31.18 -9.28
C PHE D 89 12.11 31.34 -10.79
N SER D 90 11.96 30.25 -11.52
CA SER D 90 12.05 30.30 -12.98
C SER D 90 10.93 31.13 -13.54
N HIS D 91 9.71 30.83 -13.12
CA HIS D 91 8.55 31.61 -13.55
C HIS D 91 8.61 33.08 -13.14
N ARG D 92 9.13 33.33 -11.92
CA ARG D 92 9.40 34.70 -11.44
C ARG D 92 10.37 35.47 -12.32
N SER D 93 11.31 34.76 -12.97
CA SER D 93 12.35 35.36 -13.79
C SER D 93 11.94 35.62 -15.24
N ILE D 94 10.73 35.20 -15.65
CA ILE D 94 10.19 35.46 -17.00
C ILE D 94 10.58 36.84 -17.57
N ALA D 95 10.43 37.88 -16.76
CA ALA D 95 10.64 39.28 -17.18
C ALA D 95 12.09 39.76 -17.20
N VAL D 96 13.02 39.00 -16.61
CA VAL D 96 14.45 39.42 -16.60
C VAL D 96 15.11 38.79 -17.82
N LYS D 97 16.16 39.44 -18.32
CA LYS D 97 16.87 38.95 -19.49
C LYS D 97 18.16 38.30 -19.06
N ASP D 98 18.43 37.11 -19.59
CA ASP D 98 19.68 36.38 -19.33
C ASP D 98 20.05 36.39 -17.84
N GLY D 99 19.06 36.06 -17.03
CA GLY D 99 19.22 36.02 -15.60
C GLY D 99 18.05 35.43 -14.83
N ILE D 100 18.17 35.55 -13.51
CA ILE D 100 17.17 35.09 -12.57
C ILE D 100 16.97 36.06 -11.45
N LEU D 101 15.73 36.11 -10.94
CA LEU D 101 15.34 37.02 -9.87
C LEU D 101 15.07 36.16 -8.62
N LEU D 102 15.96 36.23 -7.65
CA LEU D 102 15.83 35.43 -6.42
C LEU D 102 14.75 36.07 -5.55
N ALA D 103 14.13 35.24 -4.71
CA ALA D 103 13.05 35.71 -3.82
C ALA D 103 13.52 36.75 -2.81
N THR D 104 14.82 36.83 -2.57
CA THR D 104 15.40 37.89 -1.76
C THR D 104 15.40 39.30 -2.40
N GLY D 105 15.04 39.42 -3.68
CA GLY D 105 15.08 40.71 -4.40
C GLY D 105 16.23 40.86 -5.40
N LEU D 106 17.33 40.13 -5.17
CA LEU D 106 18.55 40.18 -6.01
C LEU D 106 18.38 39.53 -7.37
N HIS D 107 18.94 40.17 -8.39
CA HIS D 107 19.09 39.54 -9.72
C HIS D 107 20.43 38.81 -9.70
N VAL D 108 20.50 37.66 -10.39
CA VAL D 108 21.75 37.01 -10.74
C VAL D 108 21.68 36.92 -12.25
N HIS D 109 22.81 37.18 -12.91
CA HIS D 109 22.89 37.25 -14.38
C HIS D 109 23.91 36.24 -14.90
N ARG D 110 23.65 35.68 -16.09
CA ARG D 110 24.55 34.70 -16.75
C ARG D 110 26.05 34.88 -16.49
N ASN D 111 26.53 36.10 -16.66
CA ASN D 111 27.94 36.37 -16.52
C ASN D 111 28.43 36.06 -15.12
N SER D 112 27.70 36.55 -14.13
CA SER D 112 28.04 36.30 -12.71
C SER D 112 28.07 34.81 -12.42
N ALA D 113 27.10 34.07 -12.98
CA ALA D 113 26.99 32.61 -12.81
C ALA D 113 28.15 31.86 -13.43
N HIS D 114 28.49 32.21 -14.67
CA HIS D 114 29.60 31.57 -15.40
C HIS D 114 30.91 31.80 -14.67
N SER D 115 31.13 33.05 -14.26
CA SER D 115 32.36 33.44 -13.57
C SER D 115 32.51 32.94 -12.13
N ALA D 116 31.43 32.45 -11.52
CA ALA D 116 31.46 31.79 -10.20
C ALA D 116 31.49 30.26 -10.30
N GLY D 117 31.61 29.74 -11.51
CA GLY D 117 31.86 28.32 -11.76
C GLY D 117 30.65 27.42 -11.95
N VAL D 118 29.46 28.01 -12.11
CA VAL D 118 28.21 27.23 -12.22
C VAL D 118 27.36 27.68 -13.42
N GLY D 119 28.05 27.93 -14.53
CA GLY D 119 27.43 28.50 -15.72
C GLY D 119 26.66 27.47 -16.49
N ALA D 120 27.25 26.30 -16.69
CA ALA D 120 26.61 25.24 -17.48
C ALA D 120 25.17 25.05 -17.04
N ILE D 121 24.99 24.78 -15.76
CA ILE D 121 23.67 24.50 -15.21
C ILE D 121 22.77 25.76 -15.27
N PHE D 122 23.31 26.93 -14.95
CA PHE D 122 22.56 28.19 -14.93
C PHE D 122 21.94 28.44 -16.30
N ASP D 123 22.75 28.28 -17.35
CA ASP D 123 22.30 28.34 -18.75
C ASP D 123 21.14 27.37 -19.09
N ARG D 124 21.16 26.18 -18.49
CA ARG D 124 20.10 25.18 -18.69
C ARG D 124 18.75 25.63 -18.14
N VAL D 125 18.79 26.27 -16.98
CA VAL D 125 17.59 26.85 -16.34
C VAL D 125 17.01 27.90 -17.27
N LEU D 126 17.87 28.78 -17.76
CA LEU D 126 17.44 29.84 -18.66
C LEU D 126 16.78 29.33 -19.93
N THR D 127 17.48 28.48 -20.66
CA THR D 127 17.01 28.00 -21.96
C THR D 127 15.85 27.04 -21.83
N GLU D 128 15.95 26.07 -20.92
CA GLU D 128 14.90 25.03 -20.79
C GLU D 128 13.70 25.40 -19.88
N LEU D 129 13.89 26.28 -18.90
CA LEU D 129 12.78 26.64 -18.01
C LEU D 129 12.33 28.07 -18.19
N VAL D 130 13.24 29.02 -17.95
CA VAL D 130 12.86 30.43 -17.89
C VAL D 130 12.34 30.91 -19.25
N SER D 131 13.13 30.71 -20.29
CA SER D 131 12.77 31.16 -21.63
C SER D 131 11.59 30.41 -22.24
N LYS D 132 11.48 29.11 -21.93
CA LYS D 132 10.33 28.31 -22.38
C LYS D 132 9.02 28.72 -21.72
N MET D 133 9.09 29.10 -20.45
CA MET D 133 7.94 29.66 -19.75
C MET D 133 7.50 31.00 -20.39
N ARG D 134 8.48 31.81 -20.79
CA ARG D 134 8.21 33.09 -21.46
C ARG D 134 7.60 32.87 -22.83
N ASP D 135 8.25 32.05 -23.65
CA ASP D 135 7.82 31.85 -25.04
C ASP D 135 6.38 31.30 -25.17
N MET D 136 5.94 30.48 -24.22
CA MET D 136 4.55 29.98 -24.20
C MET D 136 3.64 30.76 -23.27
N GLN D 137 4.19 31.77 -22.59
CA GLN D 137 3.43 32.66 -21.72
C GLN D 137 2.59 31.90 -20.71
N MET D 138 3.19 30.93 -20.00
CA MET D 138 2.42 30.16 -19.02
C MET D 138 2.03 31.07 -17.84
N ASP D 139 0.82 30.85 -17.32
CA ASP D 139 0.23 31.71 -16.26
C ASP D 139 0.43 31.04 -14.90
N LYS D 140 -0.03 31.70 -13.84
CA LYS D 140 0.19 31.20 -12.48
C LYS D 140 -0.66 29.97 -12.18
N THR D 141 -1.83 29.88 -12.82
CA THR D 141 -2.69 28.72 -12.69
C THR D 141 -1.99 27.50 -13.27
N GLU D 142 -1.33 27.69 -14.41
CA GLU D 142 -0.58 26.61 -15.04
C GLU D 142 0.66 26.21 -14.23
N LEU D 143 1.43 27.21 -13.77
CA LEU D 143 2.61 26.97 -12.96
C LEU D 143 2.24 26.22 -11.70
N GLY D 144 1.26 26.75 -10.98
CA GLY D 144 0.71 26.07 -9.79
C GLY D 144 0.38 24.60 -10.00
N CYS D 145 -0.29 24.31 -11.12
CA CYS D 145 -0.68 22.93 -11.45
C CYS D 145 0.52 22.04 -11.76
N LEU D 146 1.46 22.55 -12.56
CA LEU D 146 2.71 21.85 -12.75
C LEU D 146 3.39 21.63 -11.39
N ARG D 147 3.48 22.69 -10.59
CA ARG D 147 4.12 22.54 -9.29
C ARG D 147 3.39 21.54 -8.39
N ALA D 148 2.06 21.49 -8.47
CA ALA D 148 1.29 20.51 -7.67
C ALA D 148 1.53 19.06 -8.17
N ILE D 149 1.56 18.87 -9.48
CA ILE D 149 1.92 17.57 -10.08
C ILE D 149 3.27 17.07 -9.56
N VAL D 150 4.20 18.00 -9.39
CA VAL D 150 5.53 17.67 -8.87
C VAL D 150 5.42 17.25 -7.41
N LEU D 151 4.66 18.01 -6.63
CA LEU D 151 4.45 17.72 -5.20
C LEU D 151 3.88 16.31 -4.98
N PHE D 152 2.80 15.99 -5.70
CA PHE D 152 2.16 14.67 -5.67
C PHE D 152 2.90 13.70 -6.58
N ASN D 153 4.09 13.29 -6.15
CA ASN D 153 4.93 12.33 -6.86
C ASN D 153 4.76 10.93 -6.28
N PRO D 154 3.96 10.06 -6.93
CA PRO D 154 3.71 8.73 -6.37
C PRO D 154 4.92 7.81 -6.38
N ASP D 155 5.93 8.11 -7.21
CA ASP D 155 7.19 7.36 -7.24
C ASP D 155 8.16 7.66 -6.08
N SER D 156 7.88 8.67 -5.27
CA SER D 156 8.76 9.01 -4.13
C SER D 156 8.92 7.81 -3.23
N LYS D 157 10.16 7.47 -2.88
CA LYS D 157 10.41 6.25 -2.08
C LYS D 157 9.86 6.41 -0.66
N GLY D 158 9.40 5.30 -0.08
CA GLY D 158 8.96 5.22 1.33
C GLY D 158 7.53 5.64 1.61
N LEU D 159 6.73 5.79 0.55
CA LEU D 159 5.40 6.38 0.64
C LEU D 159 4.45 5.31 1.16
N SER D 160 3.68 5.64 2.21
CA SER D 160 2.76 4.68 2.86
C SER D 160 1.62 4.25 1.95
N ASN D 161 1.19 5.15 1.06
CA ASN D 161 0.18 4.82 0.06
C ASN D 161 0.46 5.59 -1.23
N PRO D 162 1.22 4.97 -2.15
CA PRO D 162 1.44 5.58 -3.46
C PRO D 162 0.17 5.77 -4.31
N ALA D 163 -0.86 4.94 -4.11
CA ALA D 163 -2.07 5.01 -4.92
C ALA D 163 -2.86 6.29 -4.67
N GLU D 164 -3.02 6.66 -3.40
CA GLU D 164 -3.72 7.90 -3.04
C GLU D 164 -2.97 9.15 -3.52
N VAL D 165 -1.63 9.05 -3.68
CA VAL D 165 -0.83 10.14 -4.25
C VAL D 165 -0.95 10.20 -5.77
N GLU D 166 -0.92 9.05 -6.46
CA GLU D 166 -1.15 8.98 -7.93
C GLU D 166 -2.54 9.49 -8.28
N ALA D 167 -3.50 9.24 -7.38
CA ALA D 167 -4.88 9.70 -7.53
C ALA D 167 -5.02 11.24 -7.51
N LEU D 168 -4.30 11.86 -6.57
CA LEU D 168 -4.23 13.31 -6.44
C LEU D 168 -3.55 13.97 -7.65
N ARG D 169 -2.49 13.33 -8.14
CA ARG D 169 -1.83 13.79 -9.35
C ARG D 169 -2.77 13.71 -10.58
N GLU D 170 -3.45 12.57 -10.74
CA GLU D 170 -4.47 12.38 -11.79
C GLU D 170 -5.58 13.43 -11.72
N LYS D 171 -5.96 13.85 -10.52
CA LYS D 171 -6.93 14.93 -10.38
C LYS D 171 -6.40 16.27 -10.90
N VAL D 172 -5.14 16.60 -10.57
CA VAL D 172 -4.50 17.83 -11.09
C VAL D 172 -4.37 17.74 -12.62
N TYR D 173 -3.97 16.56 -13.12
CA TYR D 173 -3.94 16.29 -14.56
C TYR D 173 -5.29 16.62 -15.23
N ALA D 174 -6.38 16.21 -14.59
CA ALA D 174 -7.72 16.49 -15.10
C ALA D 174 -8.05 17.99 -15.05
N SER D 175 -7.79 18.63 -13.92
CA SER D 175 -8.10 20.04 -13.71
C SER D 175 -7.32 20.95 -14.65
N LEU D 176 -6.05 20.62 -14.87
CA LEU D 176 -5.18 21.38 -15.77
C LEU D 176 -5.62 21.22 -17.22
N GLU D 177 -5.91 19.97 -17.64
CA GLU D 177 -6.40 19.72 -19.01
C GLU D 177 -7.70 20.48 -19.24
N ALA D 178 -8.56 20.50 -18.22
CA ALA D 178 -9.79 21.29 -18.25
C ALA D 178 -9.48 22.78 -18.45
N TYR D 179 -8.67 23.34 -17.56
CA TYR D 179 -8.28 24.76 -17.63
C TYR D 179 -7.72 25.14 -19.01
N CYS D 180 -6.81 24.32 -19.54
CA CYS D 180 -6.17 24.63 -20.82
C CYS D 180 -7.10 24.60 -22.03
N LYS D 181 -8.13 23.76 -21.98
CA LYS D 181 -9.15 23.73 -23.02
C LYS D 181 -10.09 24.93 -22.93
N HIS D 182 -10.45 25.34 -21.71
CA HIS D 182 -11.29 26.51 -21.49
C HIS D 182 -10.60 27.83 -21.88
N LYS D 183 -9.42 28.06 -21.33
CA LYS D 183 -8.68 29.33 -21.43
C LYS D 183 -7.93 29.50 -22.78
N TYR D 184 -7.34 28.42 -23.27
CA TYR D 184 -6.55 28.43 -24.52
C TYR D 184 -7.08 27.36 -25.49
N PRO D 185 -8.34 27.51 -25.96
CA PRO D 185 -8.90 26.53 -26.91
C PRO D 185 -8.23 26.57 -28.28
N GLU D 186 -7.58 27.70 -28.61
CA GLU D 186 -6.89 27.89 -29.88
C GLU D 186 -5.58 27.09 -30.03
N GLN D 187 -5.12 26.48 -28.94
CA GLN D 187 -3.91 25.66 -28.93
C GLN D 187 -4.19 24.33 -28.22
N PRO D 188 -4.65 23.31 -29.00
CA PRO D 188 -5.03 22.04 -28.39
C PRO D 188 -3.85 21.19 -27.88
N GLY D 189 -2.62 21.51 -28.29
CA GLY D 189 -1.43 20.85 -27.73
C GLY D 189 -0.75 21.57 -26.57
N ARG D 190 -1.51 22.34 -25.77
CA ARG D 190 -0.95 23.14 -24.69
C ARG D 190 -0.75 22.30 -23.44
N PHE D 191 -1.76 21.50 -23.10
CA PHE D 191 -1.67 20.53 -22.00
C PHE D 191 -0.35 19.72 -22.05
N ALA D 192 0.01 19.22 -23.22
CA ALA D 192 1.24 18.43 -23.35
C ALA D 192 2.51 19.29 -23.34
N LYS D 193 2.42 20.53 -23.83
CA LYS D 193 3.57 21.45 -23.83
C LYS D 193 3.95 21.78 -22.37
N LEU D 194 2.92 22.10 -21.58
CA LEU D 194 3.03 22.24 -20.13
C LEU D 194 3.76 21.05 -19.44
N LEU D 195 3.30 19.83 -19.70
CA LEU D 195 3.83 18.63 -19.01
C LEU D 195 5.21 18.21 -19.47
N LEU D 196 5.64 18.67 -20.65
CA LEU D 196 6.98 18.34 -21.17
C LEU D 196 8.08 19.29 -20.66
N ARG D 197 7.71 20.24 -19.80
CA ARG D 197 8.70 20.97 -19.02
C ARG D 197 9.14 20.16 -17.81
N LEU D 198 8.33 19.21 -17.37
CA LEU D 198 8.61 18.43 -16.15
C LEU D 198 9.79 17.44 -16.22
N PRO D 199 10.05 16.83 -17.39
CA PRO D 199 11.30 16.03 -17.52
C PRO D 199 12.56 16.88 -17.52
N ALA D 200 12.54 18.01 -18.24
CA ALA D 200 13.60 19.01 -18.16
C ALA D 200 13.85 19.46 -16.72
N LEU D 201 12.77 19.85 -16.02
CA LEU D 201 12.82 20.25 -14.60
C LEU D 201 13.42 19.18 -13.70
N ARG D 202 13.08 17.92 -13.95
CA ARG D 202 13.65 16.80 -13.21
C ARG D 202 15.16 16.66 -13.46
N SER D 203 15.56 16.79 -14.74
CA SER D 203 16.98 16.72 -15.10
C SER D 203 17.78 17.89 -14.51
N ILE D 204 17.22 19.09 -14.56
CA ILE D 204 17.86 20.27 -14.00
C ILE D 204 17.94 20.17 -12.47
N GLY D 205 16.85 19.73 -11.85
CA GLY D 205 16.81 19.51 -10.40
C GLY D 205 17.83 18.52 -9.87
N LEU D 206 18.01 17.42 -10.60
CA LEU D 206 18.98 16.41 -10.19
C LEU D 206 20.39 16.93 -10.29
N LYS D 207 20.67 17.71 -11.34
CA LYS D 207 21.98 18.33 -11.50
C LYS D 207 22.29 19.38 -10.39
N CYS D 208 21.26 20.07 -9.92
CA CYS D 208 21.40 21.08 -8.86
C CYS D 208 21.67 20.46 -7.48
N LEU D 209 20.97 19.36 -7.18
CA LEU D 209 21.23 18.59 -5.96
C LEU D 209 22.66 18.07 -5.97
N GLU D 210 23.06 17.53 -7.12
CA GLU D 210 24.40 16.99 -7.29
C GLU D 210 25.43 18.10 -7.02
N HIS D 211 25.20 19.31 -7.54
CA HIS D 211 26.02 20.48 -7.19
C HIS D 211 26.01 20.78 -5.69
N LEU D 212 24.80 20.87 -5.12
CA LEU D 212 24.64 21.21 -3.69
C LEU D 212 25.27 20.21 -2.67
N PHE D 213 25.20 18.90 -2.91
CA PHE D 213 25.88 17.93 -2.02
C PHE D 213 27.39 18.17 -2.03
N PHE D 214 27.96 18.33 -3.24
CA PHE D 214 29.39 18.60 -3.40
C PHE D 214 29.82 19.90 -2.70
N PHE D 215 28.99 20.93 -2.76
CA PHE D 215 29.25 22.21 -2.07
C PHE D 215 29.31 22.01 -0.56
N LYS D 216 28.31 21.31 -0.03
CA LYS D 216 28.23 20.95 1.40
C LYS D 216 29.46 20.18 1.85
N LEU D 217 29.88 19.23 1.03
CA LEU D 217 30.92 18.27 1.37
C LEU D 217 32.31 18.90 1.46
N ILE D 218 32.65 19.75 0.50
CA ILE D 218 33.92 20.50 0.52
C ILE D 218 33.84 21.79 1.36
N GLY D 219 32.62 22.30 1.59
CA GLY D 219 32.42 23.46 2.46
C GLY D 219 32.79 24.80 1.85
N ASP D 220 32.73 24.90 0.53
CA ASP D 220 32.89 26.18 -0.18
C ASP D 220 31.46 26.65 -0.51
N THR D 221 30.82 27.25 0.52
CA THR D 221 29.48 27.90 0.50
C THR D 221 28.80 27.72 1.87
N PRO D 222 28.39 28.83 2.54
CA PRO D 222 27.53 28.66 3.73
C PRO D 222 26.15 28.13 3.37
N ILE D 223 25.60 27.22 4.17
CA ILE D 223 24.29 26.56 3.89
C ILE D 223 23.39 26.63 5.14
N ASP D 224 22.29 27.38 5.08
CA ASP D 224 21.41 27.58 6.25
C ASP D 224 20.64 26.31 6.67
N THR D 225 20.02 26.37 7.85
CA THR D 225 19.48 25.19 8.57
C THR D 225 18.53 24.32 7.77
N PHE D 226 17.52 24.94 7.15
CA PHE D 226 16.44 24.20 6.48
C PHE D 226 16.93 23.55 5.19
N LEU D 227 17.81 24.23 4.47
CA LEU D 227 18.46 23.64 3.30
C LEU D 227 19.37 22.52 3.76
N MET D 228 20.16 22.73 4.81
CA MET D 228 21.03 21.68 5.38
C MET D 228 20.24 20.42 5.68
N GLU D 229 19.05 20.62 6.24
CA GLU D 229 18.18 19.51 6.62
C GLU D 229 17.75 18.74 5.37
N MET D 230 17.19 19.47 4.39
CA MET D 230 16.80 18.88 3.12
C MET D 230 17.95 18.12 2.45
N LEU D 231 19.16 18.65 2.54
CA LEU D 231 20.36 18.03 1.94
C LEU D 231 20.91 16.77 2.67
N GLU D 232 20.21 16.26 3.69
CA GLU D 232 20.32 14.81 3.98
C GLU D 232 19.25 13.95 3.24
N GLU E 1 -4.10 -37.84 33.20
CA GLU E 1 -5.36 -37.87 32.47
C GLU E 1 -5.22 -37.07 31.16
N ARG E 2 -6.27 -36.39 30.71
CA ARG E 2 -6.28 -35.69 29.41
C ARG E 2 -5.48 -34.38 29.45
N HIS E 3 -5.68 -33.59 30.52
CA HIS E 3 -4.90 -32.37 30.73
C HIS E 3 -3.95 -32.43 31.93
N LYS E 4 -3.09 -33.44 31.93
CA LYS E 4 -2.20 -33.78 33.05
C LYS E 4 -1.44 -32.58 33.60
N ILE E 5 -0.64 -31.96 32.74
CA ILE E 5 0.24 -30.86 33.15
C ILE E 5 -0.55 -29.58 33.49
N LEU E 6 -1.59 -29.26 32.72
CA LEU E 6 -2.41 -28.07 33.00
C LEU E 6 -3.14 -28.15 34.34
N HIS E 7 -3.66 -29.34 34.68
CA HIS E 7 -4.28 -29.58 35.99
C HIS E 7 -3.28 -29.27 37.09
N ARG E 8 -2.12 -29.91 37.00
CA ARG E 8 -1.03 -29.74 37.96
C ARG E 8 -0.61 -28.28 38.12
N LEU E 9 -0.51 -27.56 37.00
CA LEU E 9 -0.08 -26.16 37.02
C LEU E 9 -1.16 -25.23 37.56
N LEU E 10 -2.43 -25.51 37.26
CA LEU E 10 -3.56 -24.77 37.85
C LEU E 10 -3.84 -25.08 39.32
N GLN E 11 -3.27 -26.19 39.81
CA GLN E 11 -3.32 -26.57 41.22
C GLN E 11 -1.91 -26.40 41.83
N GLU E 12 -1.54 -25.15 42.04
CA GLU E 12 -0.26 -24.74 42.60
C GLU E 12 -0.44 -23.42 43.33
N GLY E 13 -1.04 -22.44 42.64
CA GLY E 13 -1.52 -21.19 43.23
C GLY E 13 -0.56 -20.02 43.10
N SER E 14 -0.72 -19.06 44.00
CA SER E 14 0.16 -17.86 44.17
C SER E 14 1.68 -18.15 44.11
N PRO E 15 2.51 -17.11 43.88
CA PRO E 15 3.87 -17.28 43.33
C PRO E 15 4.60 -18.59 43.70
N HIS F 3 -15.15 -13.97 -11.03
CA HIS F 3 -16.36 -13.98 -10.14
C HIS F 3 -17.56 -13.23 -10.75
N LYS F 4 -18.09 -13.80 -11.83
CA LYS F 4 -19.05 -13.14 -12.74
C LYS F 4 -20.34 -12.62 -12.10
N ILE F 5 -21.06 -13.48 -11.37
CA ILE F 5 -22.36 -13.11 -10.80
C ILE F 5 -22.21 -11.81 -10.02
N LEU F 6 -21.21 -11.78 -9.14
CA LEU F 6 -21.02 -10.69 -8.18
C LEU F 6 -20.67 -9.39 -8.89
N HIS F 7 -19.70 -9.44 -9.80
CA HIS F 7 -19.32 -8.27 -10.63
C HIS F 7 -20.58 -7.68 -11.33
N ARG F 8 -21.35 -8.55 -11.99
CA ARG F 8 -22.58 -8.15 -12.71
C ARG F 8 -23.61 -7.43 -11.83
N LEU F 9 -23.69 -7.85 -10.56
CA LEU F 9 -24.65 -7.27 -9.61
C LEU F 9 -24.16 -5.96 -8.99
N LEU F 10 -22.86 -5.82 -8.83
CA LEU F 10 -22.27 -4.59 -8.26
C LEU F 10 -22.28 -3.38 -9.19
N GLN F 11 -22.47 -3.60 -10.49
CA GLN F 11 -22.62 -2.52 -11.47
C GLN F 11 -23.99 -1.86 -11.34
N GLU F 12 -24.02 -0.53 -11.13
CA GLU F 12 -25.25 0.26 -11.31
C GLU F 12 -24.98 1.73 -11.70
N GLY F 13 -23.90 1.95 -12.45
CA GLY F 13 -23.49 3.30 -12.86
C GLY F 13 -22.01 3.37 -13.22
N ARG G 2 36.15 11.47 -29.94
CA ARG G 2 35.06 11.59 -30.90
C ARG G 2 34.27 10.27 -31.00
N HIS G 3 33.42 10.14 -32.02
CA HIS G 3 32.36 9.12 -32.05
C HIS G 3 32.52 8.15 -33.22
N LYS G 4 33.68 7.47 -33.24
CA LYS G 4 34.09 6.61 -34.36
C LYS G 4 32.98 5.66 -34.85
N ILE G 5 32.53 4.80 -33.95
CA ILE G 5 31.54 3.76 -34.28
C ILE G 5 30.14 4.34 -34.55
N LEU G 6 29.72 5.35 -33.79
CA LEU G 6 28.40 5.98 -34.02
C LEU G 6 28.31 6.67 -35.40
N HIS G 7 29.40 7.34 -35.81
CA HIS G 7 29.49 7.93 -37.15
C HIS G 7 29.28 6.85 -38.21
N ARG G 8 30.09 5.80 -38.10
CA ARG G 8 30.04 4.65 -39.01
C ARG G 8 28.65 4.01 -39.07
N LEU G 9 27.99 3.86 -37.92
CA LEU G 9 26.66 3.26 -37.86
C LEU G 9 25.57 4.18 -38.43
N LEU G 10 25.69 5.49 -38.19
CA LEU G 10 24.79 6.49 -38.79
C LEU G 10 25.01 6.71 -40.31
N GLN G 11 26.17 6.27 -40.81
CA GLN G 11 26.51 6.29 -42.23
C GLN G 11 26.54 4.86 -42.76
N GLU G 12 25.34 4.28 -42.90
CA GLU G 12 25.17 2.91 -43.45
C GLU G 12 23.85 2.79 -44.21
N HIS H 3 13.74 14.88 10.78
CA HIS H 3 13.63 16.17 10.00
C HIS H 3 12.86 17.27 10.77
N LYS H 4 13.36 17.60 11.95
CA LYS H 4 12.70 18.51 12.90
C LYS H 4 11.99 19.71 12.28
N ILE H 5 12.71 20.49 11.50
CA ILE H 5 12.20 21.75 10.97
C ILE H 5 10.94 21.49 10.15
N LEU H 6 11.04 20.54 9.21
CA LEU H 6 9.93 20.22 8.31
C LEU H 6 8.71 19.68 9.09
N HIS H 7 8.95 18.72 9.97
CA HIS H 7 7.91 18.21 10.89
C HIS H 7 7.23 19.35 11.69
N ARG H 8 8.01 20.12 12.43
CA ARG H 8 7.52 21.33 13.13
C ARG H 8 6.65 22.28 12.29
N LEU H 9 7.07 22.51 11.05
CA LEU H 9 6.37 23.45 10.18
C LEU H 9 5.04 22.93 9.63
N LEU H 10 4.87 21.60 9.62
CA LEU H 10 3.72 20.96 9.00
C LEU H 10 2.45 20.82 9.86
N GLN H 11 2.53 20.90 11.18
CA GLN H 11 1.32 20.68 12.01
C GLN H 11 0.24 21.75 11.82
O4 9R3 I . 9.55 -11.41 27.65
C29 9R3 I . 10.36 -11.40 26.69
O3 9R3 I . 11.46 -10.78 26.74
C27 9R3 I . 10.01 -12.23 25.49
C26 9R3 I . 10.93 -12.23 24.43
C25 9R3 I . 10.70 -12.99 23.29
C23 9R3 I . 9.56 -13.78 23.19
N3 9R3 I . 9.18 -14.60 22.17
C28 9R3 I . 8.85 -13.03 25.41
C24 9R3 I . 8.64 -13.81 24.26
S1 9R3 I . 7.29 -14.82 23.98
C21 9R3 I . 7.98 -15.20 22.44
N2 9R3 I . 7.43 -16.11 21.59
C16 9R3 I . 8.04 -16.29 20.26
C18 9R3 I . 6.41 -16.95 22.21
C17 9R3 I . 5.60 -17.65 21.15
C20 9R3 I . 4.64 -16.65 20.51
C22 9R3 I . 5.29 -15.76 19.45
C19 9R3 I . 6.33 -16.41 18.56
C14 9R3 I . 7.27 -17.25 19.38
C15 9R3 I . 6.50 -18.30 20.14
O2 9R3 I . 5.58 -19.03 19.32
C6 9R3 I . 6.21 -20.01 18.51
C2 9R3 I . 5.11 -20.80 17.91
C1 9R3 I . 5.05 -22.24 17.81
C4 9R3 I . 5.95 -23.33 18.26
C8 9R3 I . 6.12 -24.53 17.33
C7 9R3 I . 5.24 -24.65 18.59
O1 9R3 I . 3.87 -22.51 17.20
C3 9R3 I . 3.83 -20.34 17.26
N1 9R3 I . 3.15 -21.43 16.85
C5 9R3 I . 3.45 -18.91 17.09
C13 9R3 I . 4.15 -18.15 16.18
CL1 9R3 I . 5.45 -19.01 15.30
C12 9R3 I . 3.88 -16.80 15.98
C11 9R3 I . 2.85 -16.22 16.73
C10 9R3 I . 2.14 -16.99 17.66
C9 9R3 I . 2.44 -18.33 17.84
CL2 9R3 I . 1.53 -19.31 19.03
C1 9CR J . -24.04 -24.01 7.88
C2 9CR J . -23.99 -24.94 9.10
C3 9CR J . -25.27 -24.88 9.94
C4 9CR J . -25.43 -23.48 10.50
C5 9CR J . -25.41 -22.41 9.41
C6 9CR J . -24.33 -22.56 8.32
C7 9CR J . -24.72 -21.75 7.10
C8 9CR J . -24.44 -20.55 6.87
C9 9CR J . -24.28 -19.39 6.49
C10 9CR J . -25.35 -18.84 6.06
C11 9CR J . -26.44 -18.38 5.78
C12 9CR J . -27.59 -18.06 5.69
C13 9CR J . -28.83 -17.76 5.79
C14 9CR J . -29.30 -16.49 5.78
C15 9CR J . -30.72 -16.02 5.96
C16 9CR J . -25.13 -24.56 6.94
C17 9CR J . -22.67 -24.02 7.21
C18 9CR J . -25.34 -21.03 10.04
C19 9CR J . -22.91 -18.79 6.48
C20 9CR J . -29.72 -18.94 5.96
O1 9CR J . -30.96 -14.81 6.07
O2 9CR J . -31.72 -16.74 6.08
O4 9R3 K . 12.19 -11.16 -26.10
C29 9R3 K . 13.26 -10.67 -26.56
O3 9R3 K . 13.59 -10.72 -27.76
C27 9R3 K . 14.18 -10.01 -25.61
C26 9R3 K . 14.45 -10.71 -24.44
C25 9R3 K . 15.29 -10.17 -23.48
C23 9R3 K . 15.90 -8.93 -23.68
N3 9R3 K . 16.76 -8.26 -22.86
C28 9R3 K . 14.77 -8.75 -25.85
C24 9R3 K . 15.63 -8.22 -24.88
S1 9R3 K . 16.44 -6.74 -24.95
C21 9R3 K . 17.14 -7.05 -23.39
N2 9R3 K . 18.03 -6.26 -22.70
C16 9R3 K . 18.23 -6.60 -21.27
C18 9R3 K . 18.78 -5.21 -23.38
C17 9R3 K . 19.20 -4.14 -22.37
C20 9R3 K . 17.94 -3.49 -21.76
C22 9R3 K . 17.80 -3.63 -20.25
C19 9R3 K . 18.37 -4.86 -19.54
C14 9R3 K . 19.19 -5.70 -20.49
C15 9R3 K . 20.08 -4.82 -21.35
O2 9R3 K . 20.71 -3.77 -20.63
C6 9R3 K . 21.73 -4.20 -19.72
C2 9R3 K . 22.42 -2.96 -19.23
C1 9R3 K . 23.87 -2.75 -19.18
C4 9R3 K . 25.05 -3.56 -19.58
C8 9R3 K . 26.43 -3.14 -19.05
C7 9R3 K . 26.04 -2.82 -20.49
O1 9R3 K . 24.04 -1.50 -18.67
C3 9R3 K . 21.85 -1.70 -18.66
N1 9R3 K . 22.89 -0.89 -18.36
C5 9R3 K . 20.41 -1.40 -18.49
C13 9R3 K . 19.79 -0.47 -19.29
CL1 9R3 K . 20.77 0.40 -20.51
C12 9R3 K . 18.42 -0.20 -19.16
C11 9R3 K . 17.68 -0.89 -18.19
C10 9R3 K . 18.31 -1.83 -17.39
C9 9R3 K . 19.68 -2.08 -17.56
CL2 9R3 K . 20.51 -3.28 -16.54
C1 9CR L . 22.75 25.97 -7.81
C2 9CR L . 23.41 26.03 -9.19
C3 9CR L . 22.96 27.22 -10.02
C4 9CR L . 21.45 27.12 -10.26
C5 9CR L . 20.66 26.94 -8.96
C6 9CR L . 21.22 25.89 -7.95
C7 9CR L . 20.56 25.99 -6.57
C8 9CR L . 19.36 25.65 -6.29
C9 9CR L . 18.15 25.37 -5.94
C10 9CR L . 17.32 26.30 -5.55
C11 9CR L . 16.84 27.37 -5.17
C12 9CR L . 16.22 28.43 -5.16
C13 9CR L . 15.79 29.66 -5.19
C14 9CR L . 14.49 29.98 -5.05
C15 9CR L . 13.88 31.36 -5.15
C16 9CR L . 23.25 27.20 -7.04
C17 9CR L . 23.24 24.69 -7.13
C18 9CR L . 19.21 26.66 -9.33
C19 9CR L . 17.72 23.94 -5.99
C20 9CR L . 16.87 30.65 -5.48
O1 9CR L . 14.57 32.39 -5.31
O2 9CR L . 12.63 31.47 -5.14
#